data_9DSC
#
_entry.id   9DSC
#
_cell.length_a   64.254
_cell.length_b   113.659
_cell.length_c   160.812
_cell.angle_alpha   90.00
_cell.angle_beta   90.00
_cell.angle_gamma   90.00
#
_symmetry.space_group_name_H-M   'P 21 21 21'
#
loop_
_entity.id
_entity.type
_entity.pdbx_description
1 polymer '241_2F04-A95a, Heavy chain'
2 polymer '241_2F04-A95a, Light chain'
3 water water
#
loop_
_entity_poly.entity_id
_entity_poly.type
_entity_poly.pdbx_seq_one_letter_code
_entity_poly.pdbx_strand_id
1 'polypeptide(L)'
;EVQLLESGGGLVQPGGSLRLSCAVSGFTFSKYAMNWVRQAPGKGLEWVSHISGSGISTYYADSVKGRFTISRDTSKNMLY
LQMNSLRAEDTAIYYCAKDAISGQIWLQGTFDYWGQGTLVTVSSASTKGPSVFPLAPSSKSTSGGTAALGCLVKDYFPEP
VTVSWNSGALTSGVHTFPAVLQSSGLYSLSSVVTVPSSSLGTQTYICNVNHKPSNTKVDKKVEPKSC
;
A,B
2 'polypeptide(L)'
;EIVMTQSPATLSVSPGERATLSCRASQSVSSNLAWYQQKPGQAPRLLIYGASTRATGIPPRFSGSGSGTEFSLTISSLQS
EDFAVYYCQQYNNWPAITFGQGTRLEIKRTVAAPSVFIFPPSDEQLKSGTASVVCLLNNFYPREAKVQWKVDNALQSGNS
QESVTEQDSKDSTYSLSSTLTLSKADYEKHKVYACEVTHQGLSSPVTKSFNRGEC
;
F,C
#
# COMPACT_ATOMS: atom_id res chain seq x y z
N GLU A 1 22.05 -21.07 -18.09
CA GLU A 1 21.12 -20.00 -18.40
C GLU A 1 20.15 -20.42 -19.50
N VAL A 2 18.90 -20.65 -19.12
CA VAL A 2 17.86 -21.05 -20.07
C VAL A 2 17.40 -19.83 -20.85
N GLN A 3 17.30 -19.97 -22.17
CA GLN A 3 16.84 -18.90 -23.04
C GLN A 3 15.83 -19.44 -24.03
N LEU A 4 14.65 -18.82 -24.08
CA LEU A 4 13.63 -19.10 -25.08
C LEU A 4 13.45 -17.86 -25.94
N LEU A 5 13.59 -18.02 -27.26
CA LEU A 5 13.60 -16.89 -28.19
C LEU A 5 12.55 -17.10 -29.26
N GLU A 6 11.40 -16.45 -29.09
CA GLU A 6 10.35 -16.51 -30.09
C GLU A 6 10.71 -15.65 -31.28
N SER A 7 10.20 -16.04 -32.45
CA SER A 7 10.39 -15.27 -33.68
C SER A 7 9.31 -15.67 -34.68
N GLY A 8 9.13 -14.81 -35.69
CA GLY A 8 8.22 -15.08 -36.77
C GLY A 8 6.87 -14.39 -36.69
N GLY A 9 6.58 -13.69 -35.59
CA GLY A 9 5.33 -12.96 -35.51
C GLY A 9 5.33 -11.72 -36.37
N GLY A 10 4.14 -11.30 -36.79
CA GLY A 10 4.04 -10.12 -37.61
C GLY A 10 2.61 -9.90 -38.09
N LEU A 11 2.49 -9.00 -39.06
CA LEU A 11 1.21 -8.63 -39.65
C LEU A 11 0.81 -9.64 -40.72
N VAL A 12 -0.42 -10.12 -40.66
CA VAL A 12 -0.89 -11.14 -41.58
C VAL A 12 -2.38 -10.91 -41.86
N GLN A 13 -2.79 -11.16 -43.10
CA GLN A 13 -4.17 -10.97 -43.49
C GLN A 13 -5.08 -11.96 -42.75
N PRO A 14 -6.34 -11.59 -42.51
CA PRO A 14 -7.30 -12.59 -42.03
C PRO A 14 -7.40 -13.75 -43.01
N GLY A 15 -7.38 -14.97 -42.47
CA GLY A 15 -7.37 -16.17 -43.27
C GLY A 15 -6.00 -16.61 -43.74
N GLY A 16 -4.96 -15.82 -43.49
CA GLY A 16 -3.63 -16.15 -43.92
C GLY A 16 -2.95 -17.16 -43.01
N SER A 17 -1.66 -17.37 -43.26
CA SER A 17 -0.88 -18.35 -42.53
C SER A 17 0.40 -17.71 -41.99
N LEU A 18 0.86 -18.24 -40.87
CA LEU A 18 2.08 -17.76 -40.22
C LEU A 18 2.68 -18.89 -39.40
N ARG A 19 4.01 -18.95 -39.38
CA ARG A 19 4.74 -19.97 -38.64
C ARG A 19 5.67 -19.31 -37.63
N LEU A 20 5.54 -19.69 -36.37
CA LEU A 20 6.35 -19.14 -35.30
C LEU A 20 7.48 -20.10 -34.92
N SER A 21 8.60 -19.53 -34.49
CA SER A 21 9.77 -20.29 -34.10
C SER A 21 10.16 -19.91 -32.67
N CYS A 22 10.65 -20.89 -31.91
CA CYS A 22 11.18 -20.66 -30.58
C CYS A 22 12.55 -21.31 -30.50
N ALA A 23 13.60 -20.49 -30.43
CA ALA A 23 14.96 -21.00 -30.32
C ALA A 23 15.27 -21.30 -28.85
N VAL A 24 15.83 -22.48 -28.60
CA VAL A 24 15.98 -23.02 -27.26
C VAL A 24 17.46 -23.22 -26.97
N SER A 25 17.91 -22.77 -25.81
CA SER A 25 19.30 -22.94 -25.39
C SER A 25 19.39 -22.92 -23.87
N GLY A 26 20.27 -23.77 -23.34
CA GLY A 26 20.54 -23.79 -21.91
C GLY A 26 20.01 -24.98 -21.15
N PHE A 27 19.51 -26.02 -21.81
CA PHE A 27 19.01 -27.20 -21.13
C PHE A 27 18.87 -28.33 -22.13
N THR A 28 18.55 -29.52 -21.60
CA THR A 28 18.35 -30.71 -22.43
C THR A 28 16.96 -30.61 -23.04
N PHE A 29 16.91 -30.31 -24.35
CA PHE A 29 15.63 -30.09 -25.02
C PHE A 29 14.76 -31.35 -24.99
N SER A 30 15.37 -32.50 -25.27
CA SER A 30 14.60 -33.74 -25.34
C SER A 30 13.98 -34.10 -24.00
N LYS A 31 14.56 -33.62 -22.90
CA LYS A 31 14.08 -33.98 -21.57
C LYS A 31 12.76 -33.30 -21.22
N TYR A 32 12.41 -32.21 -21.89
CA TYR A 32 11.28 -31.39 -21.47
C TYR A 32 10.27 -31.21 -22.58
N ALA A 33 8.98 -31.25 -22.20
CA ALA A 33 7.90 -30.90 -23.11
C ALA A 33 7.77 -29.39 -23.21
N MET A 34 7.02 -28.95 -24.22
CA MET A 34 6.96 -27.52 -24.57
C MET A 34 5.51 -27.10 -24.80
N ASN A 35 5.28 -25.79 -24.68
CA ASN A 35 3.95 -25.22 -24.80
C ASN A 35 4.00 -23.90 -25.56
N TRP A 36 2.85 -23.50 -26.09
CA TRP A 36 2.63 -22.16 -26.61
C TRP A 36 1.48 -21.53 -25.83
N VAL A 37 1.71 -20.33 -25.29
CA VAL A 37 0.71 -19.58 -24.56
C VAL A 37 0.64 -18.18 -25.16
N ARG A 38 -0.58 -17.68 -25.35
CA ARG A 38 -0.77 -16.40 -26.01
C ARG A 38 -1.53 -15.43 -25.11
N GLN A 39 -1.41 -14.15 -25.44
CA GLN A 39 -2.00 -13.08 -24.64
C GLN A 39 -2.47 -11.98 -25.59
N ALA A 40 -3.79 -11.83 -25.74
CA ALA A 40 -4.34 -10.76 -26.55
C ALA A 40 -4.02 -9.41 -25.90
N PRO A 41 -3.98 -8.34 -26.69
CA PRO A 41 -3.63 -7.02 -26.14
C PRO A 41 -4.56 -6.63 -24.99
N GLY A 42 -3.96 -6.41 -23.82
CA GLY A 42 -4.70 -6.01 -22.65
C GLY A 42 -5.51 -7.10 -21.98
N LYS A 43 -5.33 -8.36 -22.39
CA LYS A 43 -6.12 -9.47 -21.90
C LYS A 43 -5.24 -10.43 -21.11
N GLY A 44 -5.82 -11.55 -20.68
CA GLY A 44 -5.14 -12.52 -19.87
C GLY A 44 -4.37 -13.54 -20.68
N LEU A 45 -3.87 -14.55 -19.97
CA LEU A 45 -3.11 -15.62 -20.60
C LEU A 45 -4.05 -16.73 -21.04
N GLU A 46 -3.76 -17.30 -22.21
CA GLU A 46 -4.55 -18.40 -22.75
C GLU A 46 -3.59 -19.47 -23.27
N TRP A 47 -3.60 -20.65 -22.64
CA TRP A 47 -2.83 -21.77 -23.15
C TRP A 47 -3.38 -22.21 -24.50
N VAL A 48 -2.49 -22.53 -25.43
CA VAL A 48 -2.85 -22.79 -26.82
C VAL A 48 -2.50 -24.21 -27.23
N SER A 49 -1.27 -24.66 -26.96
CA SER A 49 -0.83 -25.93 -27.48
C SER A 49 0.27 -26.52 -26.61
N HIS A 50 0.40 -27.84 -26.66
CA HIS A 50 1.41 -28.56 -25.91
C HIS A 50 1.94 -29.72 -26.74
N ILE A 51 3.25 -29.94 -26.69
CA ILE A 51 3.89 -31.07 -27.36
C ILE A 51 4.79 -31.77 -26.35
N SER A 52 4.74 -33.10 -26.34
CA SER A 52 5.52 -33.89 -25.40
C SER A 52 7.01 -33.74 -25.70
N GLY A 53 7.83 -34.18 -24.74
CA GLY A 53 9.27 -34.14 -24.93
C GLY A 53 9.73 -34.97 -26.12
N SER A 54 9.16 -36.16 -26.28
CA SER A 54 9.46 -36.98 -27.44
C SER A 54 8.94 -36.34 -28.72
N GLY A 55 7.77 -35.71 -28.65
CA GLY A 55 7.10 -35.15 -29.81
C GLY A 55 5.95 -35.98 -30.34
N ILE A 56 5.76 -37.19 -29.81
CA ILE A 56 4.67 -38.05 -30.27
C ILE A 56 3.31 -37.45 -29.90
N SER A 57 3.21 -36.80 -28.74
CA SER A 57 1.95 -36.34 -28.20
C SER A 57 1.80 -34.83 -28.38
N THR A 58 0.70 -34.41 -29.00
CA THR A 58 0.39 -33.01 -29.18
C THR A 58 -1.03 -32.74 -28.71
N TYR A 59 -1.23 -31.58 -28.10
CA TYR A 59 -2.55 -31.19 -27.59
C TYR A 59 -2.81 -29.74 -27.97
N TYR A 60 -4.09 -29.39 -28.11
CA TYR A 60 -4.47 -28.07 -28.56
C TYR A 60 -5.71 -27.61 -27.80
N ALA A 61 -5.78 -26.30 -27.55
CA ALA A 61 -7.01 -25.72 -27.07
C ALA A 61 -8.06 -25.74 -28.17
N ASP A 62 -9.34 -25.78 -27.77
CA ASP A 62 -10.41 -25.83 -28.75
C ASP A 62 -10.42 -24.62 -29.66
N SER A 63 -10.02 -23.45 -29.14
CA SER A 63 -10.06 -22.21 -29.92
C SER A 63 -9.09 -22.23 -31.10
N VAL A 64 -8.09 -23.10 -31.08
CA VAL A 64 -7.14 -23.22 -32.18
C VAL A 64 -7.14 -24.60 -32.81
N LYS A 65 -8.00 -25.50 -32.35
CA LYS A 65 -8.02 -26.87 -32.86
C LYS A 65 -8.36 -26.91 -34.34
N GLY A 66 -7.58 -27.67 -35.10
CA GLY A 66 -7.79 -27.80 -36.53
C GLY A 66 -7.19 -26.70 -37.37
N ARG A 67 -6.61 -25.68 -36.74
CA ARG A 67 -5.98 -24.57 -37.45
C ARG A 67 -4.51 -24.40 -37.11
N PHE A 68 -4.07 -24.85 -35.93
CA PHE A 68 -2.71 -24.70 -35.47
C PHE A 68 -2.03 -26.05 -35.39
N THR A 69 -0.72 -26.08 -35.63
CA THR A 69 0.07 -27.30 -35.49
C THR A 69 1.35 -26.99 -34.75
N ILE A 70 1.55 -27.64 -33.61
CA ILE A 70 2.78 -27.53 -32.85
C ILE A 70 3.73 -28.64 -33.30
N SER A 71 5.03 -28.31 -33.35
CA SER A 71 6.03 -29.28 -33.78
C SER A 71 7.36 -28.86 -33.18
N ARG A 72 8.32 -29.78 -33.23
CA ARG A 72 9.65 -29.51 -32.66
C ARG A 72 10.69 -30.21 -33.50
N ASP A 73 11.92 -29.69 -33.42
CA ASP A 73 13.10 -30.32 -34.01
C ASP A 73 14.15 -30.34 -32.90
N THR A 74 14.14 -31.41 -32.10
CA THR A 74 15.08 -31.53 -30.99
C THR A 74 16.53 -31.56 -31.45
N SER A 75 16.77 -31.92 -32.72
CA SER A 75 18.14 -31.93 -33.23
C SER A 75 18.77 -30.54 -33.17
N LYS A 76 18.01 -29.51 -33.52
CA LYS A 76 18.52 -28.15 -33.60
C LYS A 76 17.87 -27.22 -32.58
N ASN A 77 17.22 -27.78 -31.56
CA ASN A 77 16.67 -27.01 -30.43
C ASN A 77 15.67 -25.96 -30.91
N MET A 78 14.65 -26.42 -31.64
CA MET A 78 13.65 -25.53 -32.20
C MET A 78 12.25 -26.03 -31.86
N LEU A 79 11.36 -25.07 -31.58
CA LEU A 79 9.94 -25.33 -31.38
C LEU A 79 9.16 -24.47 -32.37
N TYR A 80 8.12 -25.05 -32.96
CA TYR A 80 7.38 -24.39 -34.02
C TYR A 80 5.89 -24.37 -33.71
N LEU A 81 5.21 -23.35 -34.25
CA LEU A 81 3.76 -23.28 -34.25
C LEU A 81 3.32 -22.84 -35.64
N GLN A 82 2.67 -23.73 -36.37
CA GLN A 82 2.14 -23.40 -37.69
C GLN A 82 0.69 -22.94 -37.51
N MET A 83 0.40 -21.73 -37.97
CA MET A 83 -0.88 -21.09 -37.74
C MET A 83 -1.56 -20.87 -39.08
N ASN A 84 -2.74 -21.46 -39.26
CA ASN A 84 -3.50 -21.35 -40.49
C ASN A 84 -4.87 -20.73 -40.21
N SER A 85 -5.46 -20.16 -41.26
CA SER A 85 -6.80 -19.58 -41.20
C SER A 85 -6.94 -18.61 -40.04
N LEU A 86 -6.00 -17.67 -39.97
CA LEU A 86 -5.93 -16.75 -38.84
C LEU A 86 -7.12 -15.81 -38.81
N ARG A 87 -7.62 -15.54 -37.61
CA ARG A 87 -8.72 -14.62 -37.38
C ARG A 87 -8.24 -13.47 -36.52
N ALA A 88 -9.08 -12.43 -36.43
CA ALA A 88 -8.72 -11.27 -35.63
C ALA A 88 -8.52 -11.63 -34.17
N GLU A 89 -9.31 -12.58 -33.65
CA GLU A 89 -9.17 -13.00 -32.26
C GLU A 89 -7.89 -13.76 -31.99
N ASP A 90 -7.13 -14.12 -33.04
CA ASP A 90 -5.81 -14.72 -32.86
C ASP A 90 -4.72 -13.68 -32.64
N THR A 91 -5.02 -12.39 -32.79
CA THR A 91 -4.05 -11.36 -32.54
C THR A 91 -3.64 -11.37 -31.07
N ALA A 92 -2.35 -11.58 -30.82
CA ALA A 92 -1.86 -11.75 -29.45
C ALA A 92 -0.35 -11.78 -29.46
N ILE A 93 0.23 -11.63 -28.28
CA ILE A 93 1.63 -11.98 -28.05
C ILE A 93 1.70 -13.48 -27.79
N TYR A 94 2.53 -14.18 -28.54
CA TYR A 94 2.63 -15.63 -28.43
C TYR A 94 3.91 -15.97 -27.68
N TYR A 95 3.75 -16.67 -26.55
CA TYR A 95 4.86 -17.04 -25.69
C TYR A 95 5.23 -18.50 -25.89
N CYS A 96 6.54 -18.76 -25.91
CA CYS A 96 7.07 -20.11 -25.87
C CYS A 96 7.39 -20.45 -24.43
N ALA A 97 6.85 -21.57 -23.94
CA ALA A 97 6.92 -21.89 -22.52
C ALA A 97 7.35 -23.33 -22.31
N LYS A 98 8.33 -23.52 -21.44
CA LYS A 98 8.91 -24.83 -21.16
C LYS A 98 8.32 -25.40 -19.87
N ASP A 99 7.99 -26.69 -19.90
CA ASP A 99 7.41 -27.35 -18.72
C ASP A 99 8.44 -27.46 -17.60
N ALA A 100 7.94 -27.57 -16.37
CA ALA A 100 8.80 -27.44 -15.20
C ALA A 100 9.63 -28.71 -14.96
N ILE A 101 8.95 -29.82 -14.68
CA ILE A 101 9.61 -31.07 -14.32
C ILE A 101 9.58 -32.01 -15.51
N SER A 102 10.72 -32.63 -15.80
CA SER A 102 10.74 -33.66 -16.82
C SER A 102 10.03 -34.91 -16.34
N GLY A 103 9.45 -35.63 -17.29
CA GLY A 103 8.53 -36.73 -17.05
C GLY A 103 7.34 -36.56 -17.96
N GLN A 104 6.23 -37.15 -17.55
CA GLN A 104 5.00 -37.04 -18.30
C GLN A 104 3.88 -36.55 -17.40
N ILE A 105 2.63 -36.81 -17.82
CA ILE A 105 1.42 -36.12 -17.37
C ILE A 105 1.44 -35.82 -15.88
N TRP A 106 1.89 -36.80 -15.09
CA TRP A 106 1.94 -36.67 -13.63
C TRP A 106 2.70 -35.43 -13.19
N LEU A 107 3.70 -34.99 -13.96
CA LEU A 107 4.56 -33.88 -13.58
C LEU A 107 4.41 -32.66 -14.48
N GLN A 108 3.26 -32.50 -15.14
CA GLN A 108 3.08 -31.45 -16.13
C GLN A 108 1.95 -30.50 -15.73
N GLY A 109 1.96 -29.33 -16.35
CA GLY A 109 0.94 -28.33 -16.13
C GLY A 109 1.46 -27.03 -15.56
N THR A 110 2.78 -26.89 -15.51
CA THR A 110 3.42 -25.72 -14.92
C THR A 110 4.59 -25.29 -15.79
N PHE A 111 4.71 -23.98 -16.02
CA PHE A 111 5.74 -23.42 -16.89
C PHE A 111 6.66 -22.54 -16.06
N ASP A 112 7.95 -22.88 -16.05
CA ASP A 112 8.92 -22.18 -15.22
C ASP A 112 9.85 -21.28 -16.03
N TYR A 113 9.96 -21.47 -17.34
CA TYR A 113 10.67 -20.54 -18.20
C TYR A 113 9.75 -20.13 -19.34
N TRP A 114 9.76 -18.84 -19.66
CA TRP A 114 8.99 -18.28 -20.75
C TRP A 114 9.92 -17.47 -21.64
N GLY A 115 9.57 -17.40 -22.92
CA GLY A 115 10.25 -16.48 -23.81
C GLY A 115 9.68 -15.08 -23.69
N GLN A 116 10.34 -14.13 -24.36
CA GLN A 116 9.85 -12.76 -24.31
C GLN A 116 8.61 -12.53 -25.18
N GLY A 117 8.30 -13.45 -26.07
CA GLY A 117 7.07 -13.36 -26.84
C GLY A 117 7.27 -12.68 -28.18
N THR A 118 6.40 -13.02 -29.13
CA THR A 118 6.38 -12.40 -30.45
C THR A 118 4.95 -12.05 -30.80
N LEU A 119 4.77 -10.88 -31.42
CA LEU A 119 3.44 -10.32 -31.64
C LEU A 119 2.90 -10.75 -33.00
N VAL A 120 1.66 -11.24 -33.02
CA VAL A 120 0.96 -11.59 -34.24
C VAL A 120 -0.24 -10.66 -34.38
N THR A 121 -0.31 -9.95 -35.50
CA THR A 121 -1.39 -9.01 -35.77
C THR A 121 -2.13 -9.46 -37.02
N VAL A 122 -3.40 -9.82 -36.85
CA VAL A 122 -4.23 -10.32 -37.94
C VAL A 122 -5.12 -9.15 -38.39
N SER A 123 -4.74 -8.53 -39.51
CA SER A 123 -5.49 -7.38 -40.01
C SER A 123 -5.19 -7.21 -41.49
N SER A 124 -6.11 -6.55 -42.18
CA SER A 124 -5.93 -6.22 -43.59
C SER A 124 -5.38 -4.81 -43.80
N ALA A 125 -5.04 -4.10 -42.73
CA ALA A 125 -4.46 -2.77 -42.85
C ALA A 125 -3.01 -2.87 -43.31
N SER A 126 -2.54 -1.79 -43.94
CA SER A 126 -1.22 -1.75 -44.54
C SER A 126 -0.16 -1.36 -43.53
N THR A 127 1.05 -1.88 -43.75
CA THR A 127 2.21 -1.46 -42.98
C THR A 127 2.55 -0.01 -43.31
N LYS A 128 2.87 0.77 -42.27
CA LYS A 128 3.22 2.17 -42.47
C LYS A 128 4.22 2.58 -41.40
N GLY A 129 5.34 3.15 -41.83
CA GLY A 129 6.38 3.58 -40.93
C GLY A 129 6.07 4.92 -40.29
N PRO A 130 6.65 5.17 -39.12
CA PRO A 130 6.34 6.39 -38.39
C PRO A 130 7.17 7.58 -38.87
N SER A 131 6.67 8.77 -38.54
CA SER A 131 7.44 10.00 -38.59
C SER A 131 7.89 10.34 -37.18
N VAL A 132 9.13 10.79 -37.04
CA VAL A 132 9.71 11.13 -35.75
C VAL A 132 9.97 12.63 -35.71
N PHE A 133 9.42 13.28 -34.70
CA PHE A 133 9.56 14.72 -34.48
C PHE A 133 10.14 14.98 -33.10
N PRO A 134 10.87 16.07 -32.91
CA PRO A 134 11.47 16.34 -31.61
C PRO A 134 10.51 17.05 -30.66
N LEU A 135 10.66 16.74 -29.38
CA LEU A 135 9.99 17.47 -28.30
C LEU A 135 11.07 18.32 -27.64
N ALA A 136 11.29 19.51 -28.19
CA ALA A 136 12.44 20.32 -27.81
C ALA A 136 12.24 20.91 -26.41
N PRO A 137 13.23 20.79 -25.53
CA PRO A 137 13.16 21.53 -24.26
C PRO A 137 13.28 23.02 -24.50
N SER A 138 12.59 23.80 -23.67
CA SER A 138 12.57 25.24 -23.84
C SER A 138 12.40 25.91 -22.48
N SER A 139 12.90 27.14 -22.39
CA SER A 139 12.76 27.98 -21.20
C SER A 139 13.17 27.20 -19.94
N LYS A 140 14.34 26.56 -20.02
CA LYS A 140 14.78 25.66 -18.95
C LYS A 140 15.12 26.51 -17.72
N SER A 141 14.18 26.57 -16.78
CA SER A 141 14.24 27.54 -15.70
C SER A 141 15.21 27.10 -14.60
N THR A 142 15.81 28.10 -13.96
CA THR A 142 16.67 28.00 -12.78
C THR A 142 18.04 27.40 -13.11
N SER A 143 18.20 26.86 -14.32
CA SER A 143 19.49 26.39 -14.82
C SER A 143 20.10 25.30 -13.95
N GLY A 144 19.40 24.92 -12.88
CA GLY A 144 19.85 23.91 -11.96
C GLY A 144 18.70 22.97 -11.62
N GLY A 145 17.54 23.27 -12.20
CA GLY A 145 16.40 22.38 -12.11
C GLY A 145 16.51 21.28 -13.14
N THR A 146 15.35 20.74 -13.51
CA THR A 146 15.27 19.65 -14.47
C THR A 146 14.48 20.09 -15.69
N ALA A 147 14.96 19.72 -16.86
CA ALA A 147 14.28 20.00 -18.12
C ALA A 147 13.81 18.68 -18.75
N ALA A 148 12.78 18.77 -19.57
CA ALA A 148 12.20 17.60 -20.22
C ALA A 148 12.33 17.74 -21.73
N LEU A 149 12.75 16.64 -22.37
CA LEU A 149 12.83 16.57 -23.83
C LEU A 149 12.42 15.18 -24.25
N GLY A 150 12.05 15.04 -25.51
CA GLY A 150 11.58 13.76 -25.98
C GLY A 150 11.40 13.72 -27.48
N CYS A 151 10.80 12.62 -27.94
CA CYS A 151 10.52 12.38 -29.35
C CYS A 151 9.08 11.92 -29.51
N LEU A 152 8.41 12.44 -30.54
CA LEU A 152 7.05 12.05 -30.87
C LEU A 152 7.10 11.11 -32.07
N VAL A 153 6.64 9.88 -31.88
CA VAL A 153 6.65 8.84 -32.90
C VAL A 153 5.22 8.67 -33.39
N LYS A 154 4.93 9.17 -34.59
CA LYS A 154 3.56 9.39 -35.04
C LYS A 154 3.22 8.58 -36.29
N ASP A 155 1.97 8.10 -36.33
CA ASP A 155 1.34 7.56 -37.55
C ASP A 155 2.06 6.32 -38.09
N TYR A 156 2.05 5.25 -37.30
CA TYR A 156 2.61 3.98 -37.72
C TYR A 156 1.60 2.85 -37.50
N PHE A 157 1.82 1.75 -38.24
CA PHE A 157 1.05 0.53 -38.11
C PHE A 157 1.87 -0.61 -38.71
N PRO A 158 1.90 -1.79 -38.09
CA PRO A 158 1.30 -2.15 -36.80
C PRO A 158 2.22 -1.86 -35.63
N GLU A 159 1.80 -2.25 -34.42
CA GLU A 159 2.70 -2.28 -33.29
C GLU A 159 3.76 -3.36 -33.51
N PRO A 160 4.92 -3.25 -32.83
CA PRO A 160 5.35 -2.21 -31.89
C PRO A 160 6.47 -1.34 -32.43
N VAL A 161 6.75 -0.21 -31.76
CA VAL A 161 8.01 0.49 -31.95
C VAL A 161 8.76 0.49 -30.62
N THR A 162 10.07 0.55 -30.71
CA THR A 162 10.93 0.69 -29.55
C THR A 162 11.71 1.99 -29.66
N VAL A 163 11.93 2.62 -28.50
CA VAL A 163 12.68 3.86 -28.41
C VAL A 163 13.77 3.70 -27.38
N SER A 164 14.99 4.06 -27.73
CA SER A 164 16.10 4.17 -26.80
C SER A 164 16.70 5.56 -26.95
N TRP A 165 17.54 5.94 -25.99
CA TRP A 165 18.17 7.25 -25.99
C TRP A 165 19.68 7.10 -25.96
N ASN A 166 20.35 7.78 -26.89
CA ASN A 166 21.81 7.75 -27.01
C ASN A 166 22.33 6.30 -27.07
N SER A 167 21.69 5.51 -27.93
CA SER A 167 22.07 4.12 -28.18
C SER A 167 22.03 3.29 -26.88
N GLY A 168 21.04 3.55 -26.05
CA GLY A 168 20.89 2.83 -24.81
C GLY A 168 21.78 3.32 -23.68
N ALA A 169 22.53 4.39 -23.88
CA ALA A 169 23.32 4.97 -22.80
C ALA A 169 22.41 5.70 -21.81
N LEU A 170 21.61 6.63 -22.30
CA LEU A 170 20.67 7.36 -21.45
C LEU A 170 19.50 6.45 -21.11
N THR A 171 19.43 6.02 -19.85
CA THR A 171 18.43 5.06 -19.43
C THR A 171 17.61 5.57 -18.24
N SER A 172 18.25 6.34 -17.36
CA SER A 172 17.58 6.83 -16.17
C SER A 172 16.67 8.01 -16.51
N GLY A 173 15.46 7.99 -15.94
CA GLY A 173 14.51 9.05 -16.17
C GLY A 173 13.77 9.00 -17.49
N VAL A 174 13.85 7.87 -18.21
CA VAL A 174 13.20 7.73 -19.51
C VAL A 174 11.80 7.15 -19.30
N HIS A 175 10.80 7.79 -19.89
CA HIS A 175 9.43 7.30 -19.89
C HIS A 175 8.97 7.17 -21.34
N THR A 176 8.76 5.94 -21.78
CA THR A 176 8.23 5.66 -23.12
C THR A 176 6.77 5.27 -22.94
N PHE A 177 5.87 6.14 -23.41
CA PHE A 177 4.46 5.96 -23.15
C PHE A 177 3.89 4.83 -24.01
N PRO A 178 2.86 4.15 -23.51
CA PRO A 178 2.14 3.19 -24.35
C PRO A 178 1.54 3.88 -25.56
N ALA A 179 1.55 3.17 -26.69
CA ALA A 179 1.02 3.75 -27.91
C ALA A 179 -0.47 4.03 -27.77
N VAL A 180 -0.94 5.02 -28.52
CA VAL A 180 -2.34 5.41 -28.55
C VAL A 180 -2.85 5.26 -29.98
N LEU A 181 -4.00 4.60 -30.13
CA LEU A 181 -4.61 4.43 -31.44
C LEU A 181 -5.39 5.70 -31.78
N GLN A 182 -4.97 6.38 -32.83
CA GLN A 182 -5.54 7.68 -33.20
C GLN A 182 -6.84 7.50 -33.99
N SER A 183 -7.49 8.62 -34.28
CA SER A 183 -8.73 8.60 -35.06
C SER A 183 -8.50 8.03 -36.46
N SER A 184 -7.31 8.24 -37.01
CA SER A 184 -6.99 7.70 -38.33
C SER A 184 -6.88 6.18 -38.34
N GLY A 185 -6.75 5.55 -37.17
CA GLY A 185 -6.45 4.13 -37.09
C GLY A 185 -4.98 3.80 -37.05
N LEU A 186 -4.10 4.80 -37.09
CA LEU A 186 -2.67 4.61 -36.92
C LEU A 186 -2.28 4.87 -35.47
N TYR A 187 -1.16 4.29 -35.07
CA TYR A 187 -0.67 4.44 -33.71
C TYR A 187 0.27 5.63 -33.60
N SER A 188 0.49 6.08 -32.37
CA SER A 188 1.40 7.18 -32.09
C SER A 188 1.79 7.12 -30.62
N LEU A 189 3.05 7.42 -30.32
CA LEU A 189 3.51 7.44 -28.94
C LEU A 189 4.58 8.50 -28.78
N SER A 190 4.88 8.80 -27.51
CA SER A 190 5.94 9.71 -27.14
C SER A 190 6.91 8.99 -26.20
N SER A 191 8.18 9.29 -26.35
CA SER A 191 9.21 8.90 -25.38
C SER A 191 9.87 10.17 -24.88
N VAL A 192 9.93 10.33 -23.55
CA VAL A 192 10.47 11.53 -22.93
C VAL A 192 11.53 11.13 -21.92
N VAL A 193 12.41 12.08 -21.63
CA VAL A 193 13.45 11.91 -20.62
C VAL A 193 13.65 13.24 -19.92
N THR A 194 13.88 13.20 -18.61
CA THR A 194 14.20 14.37 -17.82
C THR A 194 15.69 14.36 -17.51
N VAL A 195 16.35 15.50 -17.74
CA VAL A 195 17.79 15.60 -17.62
C VAL A 195 18.16 16.85 -16.86
N PRO A 196 19.38 16.92 -16.33
CA PRO A 196 19.85 18.17 -15.73
C PRO A 196 19.71 19.34 -16.69
N SER A 197 19.18 20.45 -16.17
CA SER A 197 18.97 21.64 -16.99
C SER A 197 20.28 22.23 -17.49
N SER A 198 21.38 22.01 -16.80
CA SER A 198 22.68 22.54 -17.20
C SER A 198 23.34 21.72 -18.30
N SER A 199 22.88 20.50 -18.55
CA SER A 199 23.46 19.67 -19.60
C SER A 199 22.98 20.06 -20.99
N LEU A 200 21.90 20.83 -21.10
CA LEU A 200 21.41 21.27 -22.39
C LEU A 200 22.45 22.16 -23.06
N GLY A 201 22.90 21.76 -24.25
CA GLY A 201 24.01 22.41 -24.91
C GLY A 201 25.36 21.80 -24.63
N THR A 202 25.48 20.98 -23.59
CA THR A 202 26.70 20.25 -23.28
C THR A 202 26.63 18.80 -23.78
N GLN A 203 25.54 18.11 -23.47
CA GLN A 203 25.31 16.74 -23.93
C GLN A 203 24.26 16.74 -25.03
N THR A 204 24.52 15.98 -26.09
CA THR A 204 23.58 15.84 -27.19
C THR A 204 22.65 14.66 -26.91
N TYR A 205 21.38 14.82 -27.24
CA TYR A 205 20.35 13.83 -26.95
C TYR A 205 19.74 13.34 -28.25
N ILE A 206 19.83 12.03 -28.48
CA ILE A 206 19.36 11.39 -29.70
C ILE A 206 18.46 10.21 -29.31
N CYS A 207 17.26 10.18 -29.86
CA CYS A 207 16.34 9.06 -29.65
C CYS A 207 16.44 8.11 -30.82
N ASN A 208 16.66 6.83 -30.53
CA ASN A 208 16.79 5.79 -31.54
C ASN A 208 15.45 5.06 -31.64
N VAL A 209 14.71 5.32 -32.72
CA VAL A 209 13.39 4.76 -32.93
C VAL A 209 13.51 3.62 -33.93
N ASN A 210 12.97 2.46 -33.57
CA ASN A 210 12.94 1.30 -34.45
C ASN A 210 11.50 0.83 -34.61
N HIS A 211 11.03 0.79 -35.85
CA HIS A 211 9.75 0.19 -36.21
C HIS A 211 10.07 -0.96 -37.16
N LYS A 212 10.36 -2.11 -36.59
CA LYS A 212 10.73 -3.27 -37.38
C LYS A 212 9.68 -3.71 -38.41
N PRO A 213 8.37 -3.66 -38.13
CA PRO A 213 7.40 -4.09 -39.15
C PRO A 213 7.54 -3.36 -40.48
N SER A 214 7.98 -2.10 -40.48
CA SER A 214 8.14 -1.34 -41.71
C SER A 214 9.60 -1.11 -42.08
N ASN A 215 10.54 -1.78 -41.41
CA ASN A 215 11.97 -1.63 -41.66
C ASN A 215 12.40 -0.16 -41.53
N THR A 216 11.87 0.51 -40.51
CA THR A 216 12.15 1.93 -40.27
C THR A 216 13.03 2.07 -39.04
N LYS A 217 14.26 2.53 -39.26
CA LYS A 217 15.18 2.90 -38.18
C LYS A 217 15.47 4.38 -38.32
N VAL A 218 15.20 5.15 -37.26
CA VAL A 218 15.40 6.59 -37.27
C VAL A 218 16.11 6.99 -35.99
N ASP A 219 17.19 7.77 -36.15
CA ASP A 219 17.80 8.51 -35.04
C ASP A 219 17.44 9.97 -35.22
N LYS A 220 16.83 10.57 -34.20
CA LYS A 220 16.47 11.98 -34.21
C LYS A 220 17.16 12.66 -33.04
N LYS A 221 17.84 13.76 -33.34
CA LYS A 221 18.57 14.52 -32.34
C LYS A 221 17.71 15.68 -31.86
N VAL A 222 17.65 15.86 -30.54
CA VAL A 222 16.75 16.82 -29.91
C VAL A 222 17.59 17.94 -29.30
N GLU A 223 17.34 19.17 -29.72
CA GLU A 223 18.02 20.36 -29.26
C GLU A 223 17.02 21.44 -28.94
N PRO A 224 17.39 22.40 -28.09
CA PRO A 224 16.55 23.59 -27.92
C PRO A 224 16.51 24.42 -29.20
N LYS A 225 15.32 24.88 -29.56
CA LYS A 225 15.13 25.69 -30.75
C LYS A 225 15.54 27.13 -30.48
N SER A 226 15.68 27.91 -31.56
CA SER A 226 15.95 29.33 -31.43
C SER A 226 14.77 30.04 -30.78
N CYS A 227 15.07 31.12 -30.06
CA CYS A 227 14.07 31.94 -29.36
C CYS A 227 13.12 31.09 -28.53
N GLU B 1 -14.67 -27.01 -18.88
CA GLU B 1 -13.50 -26.32 -18.36
C GLU B 1 -13.72 -25.83 -16.93
N ILE B 2 -12.64 -25.78 -16.16
CA ILE B 2 -12.68 -25.23 -14.81
C ILE B 2 -12.39 -23.74 -14.90
N VAL B 3 -13.32 -22.93 -14.42
CA VAL B 3 -13.20 -21.48 -14.49
C VAL B 3 -12.52 -20.98 -13.22
N MET B 4 -11.42 -20.25 -13.38
CA MET B 4 -10.69 -19.64 -12.27
C MET B 4 -11.03 -18.17 -12.19
N THR B 5 -11.46 -17.72 -11.02
CA THR B 5 -11.86 -16.33 -10.81
C THR B 5 -10.90 -15.69 -9.81
N GLN B 6 -10.33 -14.56 -10.20
CA GLN B 6 -9.50 -13.73 -9.32
C GLN B 6 -10.25 -12.43 -9.08
N SER B 7 -10.85 -12.30 -7.90
CA SER B 7 -11.61 -11.12 -7.53
C SER B 7 -11.16 -10.63 -6.16
N PRO B 8 -10.96 -9.32 -5.99
CA PRO B 8 -11.10 -8.24 -6.99
C PRO B 8 -9.97 -8.26 -8.02
N ALA B 9 -10.19 -7.65 -9.19
CA ALA B 9 -9.18 -7.62 -10.23
C ALA B 9 -8.09 -6.59 -9.98
N THR B 10 -8.28 -5.69 -9.01
CA THR B 10 -7.28 -4.70 -8.65
C THR B 10 -7.18 -4.61 -7.13
N LEU B 11 -5.97 -4.33 -6.66
CA LEU B 11 -5.72 -4.09 -5.25
C LEU B 11 -4.68 -2.99 -5.11
N SER B 12 -4.84 -2.17 -4.07
CA SER B 12 -3.90 -1.10 -3.74
C SER B 12 -3.43 -1.31 -2.31
N VAL B 13 -2.17 -1.73 -2.16
CA VAL B 13 -1.62 -2.12 -0.87
C VAL B 13 -0.38 -1.29 -0.59
N SER B 14 -0.27 -0.78 0.64
CA SER B 14 0.82 0.11 1.00
C SER B 14 2.15 -0.65 1.04
N PRO B 15 3.26 0.03 0.71
CA PRO B 15 4.57 -0.62 0.78
C PRO B 15 4.92 -1.04 2.20
N GLY B 16 5.64 -2.16 2.31
CA GLY B 16 5.99 -2.72 3.58
C GLY B 16 4.92 -3.55 4.24
N GLU B 17 3.70 -3.52 3.71
CA GLU B 17 2.57 -4.23 4.30
C GLU B 17 2.38 -5.58 3.61
N ARG B 18 1.29 -6.26 3.92
CA ARG B 18 1.00 -7.60 3.45
C ARG B 18 -0.19 -7.55 2.50
N ALA B 19 -0.02 -8.07 1.28
CA ALA B 19 -1.06 -8.08 0.27
C ALA B 19 -1.57 -9.50 0.06
N THR B 20 -2.89 -9.67 0.15
CA THR B 20 -3.53 -10.96 -0.03
C THR B 20 -4.33 -10.94 -1.33
N LEU B 21 -3.99 -11.86 -2.24
CA LEU B 21 -4.66 -11.97 -3.53
C LEU B 21 -5.46 -13.26 -3.56
N SER B 22 -6.65 -13.18 -4.16
CA SER B 22 -7.63 -14.27 -4.12
C SER B 22 -7.75 -14.94 -5.48
N CYS B 23 -7.88 -16.27 -5.46
CA CYS B 23 -8.14 -17.07 -6.65
C CYS B 23 -9.07 -18.20 -6.27
N ARG B 24 -10.18 -18.33 -7.01
CA ARG B 24 -11.21 -19.30 -6.68
C ARG B 24 -11.54 -20.12 -7.92
N ALA B 25 -11.81 -21.41 -7.70
CA ALA B 25 -12.02 -22.37 -8.77
C ALA B 25 -13.46 -22.87 -8.78
N SER B 26 -14.00 -23.09 -9.98
CA SER B 26 -15.38 -23.52 -10.09
C SER B 26 -15.59 -24.94 -9.58
N GLN B 27 -14.54 -25.77 -9.64
CA GLN B 27 -14.55 -27.08 -8.99
C GLN B 27 -13.24 -27.26 -8.25
N SER B 28 -13.18 -28.30 -7.43
CA SER B 28 -11.93 -28.61 -6.75
C SER B 28 -10.83 -28.90 -7.76
N VAL B 29 -9.68 -28.26 -7.57
CA VAL B 29 -8.48 -28.56 -8.32
C VAL B 29 -7.38 -29.13 -7.44
N SER B 30 -7.74 -29.56 -6.23
CA SER B 30 -6.83 -30.16 -5.25
C SER B 30 -5.71 -29.16 -4.98
N SER B 31 -4.44 -29.56 -5.03
CA SER B 31 -3.32 -28.64 -4.89
C SER B 31 -2.63 -28.37 -6.22
N ASN B 32 -3.27 -28.73 -7.34
CA ASN B 32 -2.69 -28.50 -8.66
C ASN B 32 -3.02 -27.07 -9.10
N LEU B 33 -2.36 -26.11 -8.46
CA LEU B 33 -2.56 -24.70 -8.72
C LEU B 33 -1.22 -23.98 -8.69
N ALA B 34 -1.06 -23.01 -9.59
CA ALA B 34 0.16 -22.25 -9.71
C ALA B 34 -0.13 -20.76 -9.71
N TRP B 35 0.88 -19.97 -9.37
CA TRP B 35 0.81 -18.52 -9.41
C TRP B 35 1.94 -17.98 -10.28
N TYR B 36 1.62 -16.98 -11.10
CA TYR B 36 2.62 -16.32 -11.94
C TYR B 36 2.58 -14.82 -11.69
N GLN B 37 3.75 -14.19 -11.83
CA GLN B 37 3.89 -12.74 -11.71
C GLN B 37 4.28 -12.19 -13.08
N GLN B 38 3.51 -11.24 -13.59
CA GLN B 38 3.79 -10.61 -14.88
C GLN B 38 3.96 -9.10 -14.67
N LYS B 39 5.21 -8.65 -14.73
CA LYS B 39 5.52 -7.23 -14.73
C LYS B 39 5.23 -6.66 -16.12
N PRO B 40 5.01 -5.35 -16.23
CA PRO B 40 4.66 -4.76 -17.53
C PRO B 40 5.75 -5.02 -18.57
N GLY B 41 5.33 -5.41 -19.76
CA GLY B 41 6.23 -5.65 -20.87
C GLY B 41 7.07 -6.89 -20.75
N GLN B 42 6.78 -7.76 -19.79
CA GLN B 42 7.58 -8.95 -19.54
C GLN B 42 6.71 -10.20 -19.58
N ALA B 43 7.35 -11.33 -19.81
CA ALA B 43 6.69 -12.61 -19.74
C ALA B 43 6.36 -12.95 -18.29
N PRO B 44 5.36 -13.80 -18.07
CA PRO B 44 5.08 -14.25 -16.70
C PRO B 44 6.26 -15.03 -16.12
N ARG B 45 6.47 -14.88 -14.82
CA ARG B 45 7.47 -15.63 -14.09
C ARG B 45 6.77 -16.48 -13.04
N LEU B 46 7.15 -17.74 -12.96
CA LEU B 46 6.46 -18.66 -12.06
C LEU B 46 6.84 -18.36 -10.61
N LEU B 47 5.84 -18.18 -9.76
CA LEU B 47 6.05 -17.95 -8.34
C LEU B 47 5.80 -19.21 -7.53
N ILE B 48 4.59 -19.76 -7.61
CA ILE B 48 4.13 -20.85 -6.77
C ILE B 48 3.68 -22.00 -7.67
N TYR B 49 3.98 -23.23 -7.26
CA TYR B 49 3.32 -24.41 -7.82
C TYR B 49 2.96 -25.34 -6.68
N GLY B 50 2.04 -26.26 -6.95
CA GLY B 50 1.55 -27.16 -5.92
C GLY B 50 0.79 -26.43 -4.84
N ALA B 51 0.45 -25.17 -5.15
CA ALA B 51 -0.37 -24.27 -4.35
C ALA B 51 0.35 -23.76 -3.10
N SER B 52 1.51 -24.34 -2.76
CA SER B 52 2.29 -23.81 -1.66
C SER B 52 3.81 -23.86 -1.87
N THR B 53 4.30 -24.44 -2.96
CA THR B 53 5.73 -24.59 -3.16
C THR B 53 6.27 -23.42 -3.96
N ARG B 54 7.34 -22.82 -3.46
CA ARG B 54 7.95 -21.69 -4.14
C ARG B 54 8.89 -22.17 -5.24
N ALA B 55 8.77 -21.57 -6.41
CA ALA B 55 9.70 -21.87 -7.50
C ALA B 55 11.09 -21.37 -7.14
N THR B 56 12.08 -21.89 -7.88
CA THR B 56 13.47 -21.57 -7.59
C THR B 56 13.73 -20.08 -7.71
N GLY B 57 14.45 -19.53 -6.74
CA GLY B 57 14.81 -18.13 -6.74
C GLY B 57 13.72 -17.17 -6.32
N ILE B 58 12.59 -17.67 -5.84
CA ILE B 58 11.48 -16.83 -5.40
C ILE B 58 11.66 -16.57 -3.90
N PRO B 59 11.74 -15.31 -3.47
CA PRO B 59 12.00 -15.05 -2.05
C PRO B 59 10.84 -15.52 -1.18
N PRO B 60 11.11 -15.85 0.08
CA PRO B 60 10.07 -16.47 0.92
C PRO B 60 8.95 -15.52 1.33
N ARG B 61 9.04 -14.22 1.05
CA ARG B 61 7.92 -13.34 1.34
C ARG B 61 6.74 -13.57 0.39
N PHE B 62 6.95 -14.31 -0.69
CA PHE B 62 5.86 -14.79 -1.53
C PHE B 62 5.37 -16.12 -0.98
N SER B 63 4.10 -16.20 -0.61
CA SER B 63 3.57 -17.41 0.00
C SER B 63 2.23 -17.75 -0.61
N GLY B 64 2.07 -19.02 -0.99
CA GLY B 64 0.81 -19.53 -1.53
C GLY B 64 0.16 -20.47 -0.53
N SER B 65 -1.17 -20.42 -0.46
CA SER B 65 -1.93 -21.23 0.48
C SER B 65 -3.27 -21.59 -0.13
N GLY B 66 -3.88 -22.63 0.41
CA GLY B 66 -5.20 -23.07 0.00
C GLY B 66 -5.17 -24.42 -0.68
N SER B 67 -6.37 -24.98 -0.85
CA SER B 67 -6.58 -26.24 -1.54
C SER B 67 -8.05 -26.35 -1.88
N GLY B 68 -8.36 -27.23 -2.84
CA GLY B 68 -9.72 -27.40 -3.28
C GLY B 68 -10.17 -26.32 -4.24
N THR B 69 -11.01 -25.40 -3.76
CA THR B 69 -11.53 -24.32 -4.58
C THR B 69 -11.07 -22.94 -4.16
N GLU B 70 -10.57 -22.77 -2.94
CA GLU B 70 -10.18 -21.47 -2.41
C GLU B 70 -8.67 -21.40 -2.26
N PHE B 71 -8.07 -20.35 -2.81
CA PHE B 71 -6.62 -20.18 -2.79
C PHE B 71 -6.28 -18.72 -2.54
N SER B 72 -5.09 -18.49 -2.00
CA SER B 72 -4.61 -17.14 -1.72
C SER B 72 -3.12 -17.06 -2.04
N LEU B 73 -2.70 -15.88 -2.50
CA LEU B 73 -1.29 -15.56 -2.65
C LEU B 73 -0.99 -14.37 -1.75
N THR B 74 -0.04 -14.55 -0.83
CA THR B 74 0.30 -13.54 0.16
C THR B 74 1.70 -13.02 -0.11
N ILE B 75 1.82 -11.71 -0.29
CA ILE B 75 3.10 -11.06 -0.52
C ILE B 75 3.38 -10.18 0.70
N SER B 76 4.40 -10.55 1.47
CA SER B 76 4.78 -9.80 2.66
C SER B 76 5.89 -8.81 2.33
N SER B 77 5.97 -7.76 3.13
CA SER B 77 6.96 -6.69 2.96
C SER B 77 6.91 -6.16 1.53
N LEU B 78 5.72 -5.73 1.13
CA LEU B 78 5.48 -5.34 -0.26
C LEU B 78 6.46 -4.24 -0.69
N GLN B 79 7.06 -4.44 -1.86
CA GLN B 79 8.07 -3.54 -2.39
C GLN B 79 7.58 -2.94 -3.71
N SER B 80 8.20 -1.81 -4.08
CA SER B 80 7.77 -1.08 -5.25
C SER B 80 7.90 -1.91 -6.53
N GLU B 81 8.90 -2.79 -6.59
CA GLU B 81 9.08 -3.63 -7.76
C GLU B 81 8.15 -4.83 -7.78
N ASP B 82 7.26 -4.96 -6.79
CA ASP B 82 6.25 -6.00 -6.81
C ASP B 82 5.04 -5.63 -7.65
N PHE B 83 4.99 -4.42 -8.20
CA PHE B 83 3.89 -4.04 -9.08
C PHE B 83 3.86 -4.97 -10.30
N ALA B 84 2.72 -5.59 -10.52
CA ALA B 84 2.54 -6.58 -11.59
C ALA B 84 1.09 -7.01 -11.60
N VAL B 85 0.75 -7.82 -12.60
CA VAL B 85 -0.50 -8.57 -12.61
C VAL B 85 -0.16 -10.00 -12.23
N TYR B 86 -0.89 -10.55 -11.27
CA TYR B 86 -0.65 -11.89 -10.77
C TYR B 86 -1.75 -12.82 -11.26
N TYR B 87 -1.36 -13.95 -11.84
CA TYR B 87 -2.28 -14.91 -12.42
C TYR B 87 -2.20 -16.22 -11.65
N CYS B 88 -3.36 -16.79 -11.35
CA CYS B 88 -3.42 -18.16 -10.85
C CYS B 88 -3.85 -19.08 -11.98
N GLN B 89 -3.42 -20.33 -11.91
CA GLN B 89 -3.62 -21.27 -13.00
C GLN B 89 -3.76 -22.67 -12.44
N GLN B 90 -4.86 -23.34 -12.80
CA GLN B 90 -5.07 -24.72 -12.41
C GLN B 90 -4.55 -25.65 -13.49
N TYR B 91 -3.90 -26.74 -13.06
CA TYR B 91 -3.48 -27.81 -13.96
C TYR B 91 -4.00 -29.16 -13.48
N ASN B 92 -5.07 -29.16 -12.69
CA ASN B 92 -5.69 -30.41 -12.26
C ASN B 92 -6.20 -31.20 -13.45
N ASN B 93 -6.87 -30.54 -14.38
CA ASN B 93 -7.45 -31.18 -15.56
C ASN B 93 -6.50 -31.14 -16.76
N TRP B 94 -5.27 -31.61 -16.56
CA TRP B 94 -4.28 -31.53 -17.62
C TRP B 94 -4.72 -32.42 -18.80
N PRO B 95 -4.53 -31.97 -20.05
CA PRO B 95 -3.87 -30.71 -20.47
C PRO B 95 -4.80 -29.51 -20.59
N ALA B 96 -6.03 -29.57 -20.07
CA ALA B 96 -6.96 -28.44 -20.16
C ALA B 96 -6.62 -27.37 -19.12
N ILE B 97 -5.44 -26.78 -19.30
CA ILE B 97 -4.98 -25.71 -18.42
C ILE B 97 -5.85 -24.47 -18.60
N THR B 98 -6.22 -23.85 -17.47
CA THR B 98 -6.96 -22.59 -17.50
C THR B 98 -6.34 -21.62 -16.51
N PHE B 99 -6.45 -20.33 -16.84
CA PHE B 99 -5.93 -19.25 -16.02
C PHE B 99 -7.08 -18.43 -15.46
N GLY B 100 -6.84 -17.83 -14.28
CA GLY B 100 -7.64 -16.70 -13.88
C GLY B 100 -7.30 -15.46 -14.69
N GLN B 101 -8.18 -14.47 -14.63
CA GLN B 101 -7.98 -13.28 -15.44
C GLN B 101 -7.03 -12.27 -14.78
N GLY B 102 -6.51 -12.58 -13.61
CA GLY B 102 -5.42 -11.80 -13.04
C GLY B 102 -5.89 -10.69 -12.12
N THR B 103 -5.05 -10.35 -11.16
CA THR B 103 -5.24 -9.21 -10.28
C THR B 103 -4.04 -8.28 -10.42
N ARG B 104 -4.30 -7.00 -10.65
CA ARG B 104 -3.25 -6.01 -10.76
C ARG B 104 -3.00 -5.41 -9.38
N LEU B 105 -1.78 -5.56 -8.87
CA LEU B 105 -1.42 -5.10 -7.54
C LEU B 105 -0.68 -3.77 -7.65
N GLU B 106 -1.33 -2.70 -7.24
CA GLU B 106 -0.70 -1.38 -7.23
C GLU B 106 -0.08 -1.11 -5.87
N ILE B 107 1.09 -0.47 -5.89
CA ILE B 107 1.80 -0.10 -4.67
C ILE B 107 1.29 1.28 -4.24
N LYS B 108 0.65 1.33 -3.06
CA LYS B 108 0.01 2.56 -2.58
C LYS B 108 1.04 3.40 -1.82
N ARG B 109 1.84 4.13 -2.58
CA ARG B 109 2.85 5.01 -2.01
C ARG B 109 2.22 6.35 -1.62
N THR B 110 3.06 7.26 -1.11
CA THR B 110 2.59 8.56 -0.69
C THR B 110 2.25 9.44 -1.89
N VAL B 111 1.51 10.52 -1.61
CA VAL B 111 1.14 11.46 -2.66
C VAL B 111 2.40 12.13 -3.21
N ALA B 112 2.45 12.25 -4.53
CA ALA B 112 3.55 12.95 -5.21
C ALA B 112 2.97 13.81 -6.31
N ALA B 113 3.28 15.11 -6.27
CA ALA B 113 2.78 16.02 -7.28
C ALA B 113 3.55 15.87 -8.59
N PRO B 114 2.90 16.12 -9.72
CA PRO B 114 3.59 15.99 -11.01
C PRO B 114 4.37 17.25 -11.37
N SER B 115 5.46 17.03 -12.10
CA SER B 115 6.14 18.10 -12.81
C SER B 115 5.54 18.21 -14.20
N VAL B 116 5.19 19.42 -14.62
CA VAL B 116 4.38 19.65 -15.81
C VAL B 116 5.20 20.39 -16.84
N PHE B 117 5.20 19.87 -18.07
CA PHE B 117 5.92 20.48 -19.19
C PHE B 117 4.99 20.58 -20.39
N ILE B 118 5.22 21.60 -21.20
CA ILE B 118 4.48 21.81 -22.45
C ILE B 118 5.48 21.84 -23.60
N PHE B 119 5.12 21.21 -24.72
CA PHE B 119 5.97 21.17 -25.90
C PHE B 119 5.18 21.70 -27.09
N PRO B 120 5.69 22.69 -27.81
CA PRO B 120 5.04 23.13 -29.04
C PRO B 120 5.29 22.14 -30.16
N PRO B 121 4.46 22.13 -31.20
CA PRO B 121 4.74 21.28 -32.36
C PRO B 121 6.04 21.70 -33.03
N SER B 122 6.76 20.72 -33.54
CA SER B 122 7.97 21.03 -34.31
C SER B 122 7.59 21.67 -35.63
N ASP B 123 8.50 22.52 -36.13
CA ASP B 123 8.28 23.10 -37.45
C ASP B 123 8.32 22.04 -38.54
N GLU B 124 9.08 20.95 -38.32
CA GLU B 124 9.09 19.86 -39.28
C GLU B 124 7.69 19.26 -39.43
N GLN B 125 7.05 18.92 -38.31
CA GLN B 125 5.67 18.44 -38.38
C GLN B 125 4.74 19.53 -38.90
N LEU B 126 5.06 20.80 -38.62
CA LEU B 126 4.21 21.90 -39.05
C LEU B 126 4.11 21.97 -40.58
N LYS B 127 5.22 21.68 -41.27
CA LYS B 127 5.19 21.65 -42.73
C LYS B 127 4.18 20.64 -43.23
N SER B 128 4.06 19.49 -42.54
CA SER B 128 3.23 18.39 -43.03
C SER B 128 1.74 18.67 -42.90
N GLY B 129 1.35 19.76 -42.25
CA GLY B 129 -0.04 20.17 -42.18
C GLY B 129 -0.73 19.83 -40.87
N THR B 130 -0.01 19.32 -39.88
CA THR B 130 -0.60 18.96 -38.60
C THR B 130 0.30 19.47 -37.47
N ALA B 131 -0.32 19.90 -36.38
CA ALA B 131 0.39 20.37 -35.20
C ALA B 131 0.02 19.51 -34.02
N SER B 132 1.02 18.91 -33.38
CA SER B 132 0.82 18.12 -32.17
C SER B 132 1.43 18.88 -31.00
N VAL B 133 0.60 19.20 -30.02
CA VAL B 133 1.02 19.89 -28.80
C VAL B 133 0.94 18.89 -27.66
N VAL B 134 2.06 18.69 -26.98
CA VAL B 134 2.21 17.62 -25.99
C VAL B 134 2.39 18.25 -24.62
N CYS B 135 1.53 17.87 -23.68
CA CYS B 135 1.65 18.22 -22.28
C CYS B 135 2.06 17.00 -21.49
N LEU B 136 3.09 17.13 -20.66
CA LEU B 136 3.67 16.03 -19.91
C LEU B 136 3.45 16.23 -18.42
N LEU B 137 2.99 15.18 -17.74
CA LEU B 137 2.91 15.12 -16.29
C LEU B 137 3.83 14.00 -15.85
N ASN B 138 4.84 14.32 -15.05
CA ASN B 138 5.92 13.40 -14.75
C ASN B 138 5.94 13.03 -13.27
N ASN B 139 5.96 11.72 -12.99
CA ASN B 139 6.30 11.16 -11.69
C ASN B 139 5.35 11.66 -10.59
N PHE B 140 4.09 11.27 -10.72
CA PHE B 140 3.06 11.63 -9.75
C PHE B 140 2.33 10.39 -9.24
N TYR B 141 1.72 10.54 -8.06
CA TYR B 141 0.85 9.53 -7.46
C TYR B 141 -0.15 10.28 -6.60
N PRO B 142 -1.44 9.87 -6.60
CA PRO B 142 -2.04 8.73 -7.31
C PRO B 142 -2.25 8.98 -8.81
N ARG B 143 -2.75 7.97 -9.52
CA ARG B 143 -2.86 8.05 -10.97
C ARG B 143 -3.86 9.10 -11.43
N GLU B 144 -4.91 9.33 -10.64
CA GLU B 144 -5.97 10.24 -11.07
C GLU B 144 -5.42 11.64 -11.29
N ALA B 145 -5.77 12.23 -12.44
CA ALA B 145 -5.32 13.56 -12.79
C ALA B 145 -6.24 14.12 -13.87
N LYS B 146 -6.44 15.44 -13.83
CA LYS B 146 -7.25 16.14 -14.81
C LYS B 146 -6.35 17.08 -15.60
N VAL B 147 -6.35 16.93 -16.92
CA VAL B 147 -5.55 17.77 -17.82
C VAL B 147 -6.51 18.47 -18.77
N GLN B 148 -6.47 19.80 -18.79
CA GLN B 148 -7.35 20.60 -19.62
C GLN B 148 -6.53 21.48 -20.55
N TRP B 149 -6.98 21.59 -21.79
CA TRP B 149 -6.31 22.40 -22.80
C TRP B 149 -7.06 23.71 -22.98
N LYS B 150 -6.33 24.82 -22.96
CA LYS B 150 -6.90 26.15 -23.17
C LYS B 150 -6.22 26.77 -24.38
N VAL B 151 -6.99 27.02 -25.43
CA VAL B 151 -6.50 27.66 -26.64
C VAL B 151 -7.16 29.03 -26.71
N ASP B 152 -6.37 30.08 -26.45
CA ASP B 152 -6.88 31.44 -26.25
C ASP B 152 -7.95 31.45 -25.17
N ASN B 153 -7.66 30.77 -24.06
CA ASN B 153 -8.56 30.66 -22.91
C ASN B 153 -9.90 30.06 -23.30
N ALA B 154 -9.90 29.15 -24.28
CA ALA B 154 -11.09 28.43 -24.70
C ALA B 154 -10.89 26.95 -24.41
N LEU B 155 -11.88 26.33 -23.78
CA LEU B 155 -11.79 24.92 -23.41
C LEU B 155 -11.78 24.04 -24.65
N GLN B 156 -10.89 23.05 -24.66
CA GLN B 156 -10.77 22.10 -25.75
C GLN B 156 -11.36 20.76 -25.31
N SER B 157 -12.25 20.20 -26.13
CA SER B 157 -12.83 18.89 -25.87
C SER B 157 -12.92 18.12 -27.18
N GLY B 158 -12.62 16.82 -27.10
CA GLY B 158 -12.73 15.95 -28.26
C GLY B 158 -11.52 15.92 -29.18
N ASN B 159 -10.49 16.71 -28.90
CA ASN B 159 -9.34 16.82 -29.80
C ASN B 159 -8.02 16.53 -29.08
N SER B 160 -8.08 15.73 -28.00
CA SER B 160 -6.87 15.37 -27.27
C SER B 160 -6.94 13.89 -26.88
N GLN B 161 -5.77 13.30 -26.67
CA GLN B 161 -5.65 11.91 -26.27
C GLN B 161 -4.59 11.80 -25.18
N GLU B 162 -4.84 10.92 -24.21
CA GLU B 162 -3.95 10.73 -23.07
C GLU B 162 -3.34 9.33 -23.10
N SER B 163 -2.12 9.24 -22.58
CA SER B 163 -1.42 7.97 -22.41
C SER B 163 -0.69 7.99 -21.08
N VAL B 164 -0.76 6.88 -20.35
CA VAL B 164 -0.20 6.79 -19.00
C VAL B 164 0.76 5.61 -18.95
N THR B 165 1.94 5.83 -18.38
CA THR B 165 2.88 4.74 -18.16
C THR B 165 2.37 3.82 -17.04
N GLU B 166 2.90 2.60 -17.02
CA GLU B 166 2.66 1.72 -15.90
C GLU B 166 3.36 2.25 -14.65
N GLN B 167 2.88 1.82 -13.50
CA GLN B 167 3.49 2.25 -12.24
C GLN B 167 4.96 1.89 -12.23
N ASP B 168 5.80 2.88 -11.92
CA ASP B 168 7.24 2.68 -11.97
C ASP B 168 7.68 1.66 -10.92
N SER B 169 8.59 0.77 -11.32
CA SER B 169 9.02 -0.30 -10.44
C SER B 169 9.96 0.19 -9.32
N LYS B 170 10.46 1.42 -9.40
CA LYS B 170 11.39 1.94 -8.42
C LYS B 170 10.74 2.93 -7.45
N ASP B 171 10.12 3.98 -7.97
CA ASP B 171 9.49 5.00 -7.12
C ASP B 171 7.97 4.93 -7.10
N SER B 172 7.37 3.97 -7.80
CA SER B 172 5.93 3.70 -7.73
C SER B 172 5.08 4.87 -8.23
N THR B 173 5.63 5.70 -9.11
CA THR B 173 4.90 6.84 -9.65
C THR B 173 4.38 6.55 -11.05
N TYR B 174 3.49 7.42 -11.51
CA TYR B 174 2.96 7.40 -12.87
C TYR B 174 3.45 8.62 -13.63
N SER B 175 3.42 8.51 -14.95
CA SER B 175 3.65 9.64 -15.84
C SER B 175 2.59 9.61 -16.93
N LEU B 176 2.19 10.80 -17.38
CA LEU B 176 1.07 10.93 -18.29
C LEU B 176 1.39 11.98 -19.34
N SER B 177 0.93 11.74 -20.57
CA SER B 177 1.06 12.69 -21.67
C SER B 177 -0.32 12.98 -22.24
N SER B 178 -0.59 14.25 -22.46
CA SER B 178 -1.78 14.68 -23.18
C SER B 178 -1.33 15.31 -24.50
N THR B 179 -1.93 14.87 -25.60
CA THR B 179 -1.53 15.32 -26.93
C THR B 179 -2.71 16.01 -27.60
N LEU B 180 -2.55 17.31 -27.87
CA LEU B 180 -3.54 18.08 -28.60
C LEU B 180 -3.19 18.09 -30.08
N THR B 181 -4.13 17.67 -30.92
CA THR B 181 -3.90 17.53 -32.36
C THR B 181 -4.83 18.48 -33.11
N LEU B 182 -4.23 19.42 -33.83
CA LEU B 182 -4.98 20.37 -34.65
C LEU B 182 -4.34 20.45 -36.02
N SER B 183 -5.14 20.85 -37.00
CA SER B 183 -4.60 21.15 -38.33
C SER B 183 -3.70 22.38 -38.24
N LYS B 184 -2.75 22.47 -39.16
CA LYS B 184 -1.89 23.65 -39.22
C LYS B 184 -2.73 24.92 -39.38
N ALA B 185 -3.77 24.86 -40.21
CA ALA B 185 -4.66 26.00 -40.38
C ALA B 185 -5.33 26.37 -39.05
N ASP B 186 -5.87 25.37 -38.34
CA ASP B 186 -6.49 25.63 -37.04
C ASP B 186 -5.45 26.00 -35.99
N TYR B 187 -4.22 25.49 -36.12
CA TYR B 187 -3.17 25.88 -35.19
C TYR B 187 -2.81 27.35 -35.34
N GLU B 188 -2.90 27.88 -36.56
CA GLU B 188 -2.46 29.24 -36.83
C GLU B 188 -3.56 30.27 -36.67
N LYS B 189 -4.77 29.85 -36.32
CA LYS B 189 -5.84 30.82 -36.03
C LYS B 189 -5.68 31.46 -34.65
N HIS B 190 -5.14 30.72 -33.69
CA HIS B 190 -5.12 31.12 -32.29
C HIS B 190 -3.70 31.39 -31.81
N LYS B 191 -3.61 31.92 -30.59
CA LYS B 191 -2.37 32.47 -30.06
C LYS B 191 -1.85 31.73 -28.83
N VAL B 192 -2.69 31.54 -27.81
CA VAL B 192 -2.26 31.06 -26.51
C VAL B 192 -2.65 29.59 -26.37
N TYR B 193 -1.65 28.73 -26.15
CA TYR B 193 -1.88 27.31 -25.92
C TYR B 193 -1.40 26.97 -24.51
N ALA B 194 -2.34 26.52 -23.66
CA ALA B 194 -2.07 26.30 -22.25
C ALA B 194 -2.53 24.92 -21.84
N CYS B 195 -1.75 24.29 -20.96
CA CYS B 195 -2.10 23.01 -20.35
C CYS B 195 -2.32 23.24 -18.86
N GLU B 196 -3.54 22.96 -18.39
CA GLU B 196 -3.91 23.16 -17.00
C GLU B 196 -4.06 21.81 -16.32
N VAL B 197 -3.29 21.60 -15.25
CA VAL B 197 -3.20 20.30 -14.58
C VAL B 197 -3.78 20.43 -13.18
N THR B 198 -4.74 19.56 -12.87
CA THR B 198 -5.31 19.44 -11.53
C THR B 198 -4.96 18.06 -10.98
N HIS B 199 -4.46 18.02 -9.75
CA HIS B 199 -4.06 16.79 -9.10
C HIS B 199 -4.04 16.97 -7.59
N GLN B 200 -3.99 15.83 -6.88
CA GLN B 200 -4.19 15.82 -5.43
C GLN B 200 -3.02 16.41 -4.66
N GLY B 201 -1.80 16.23 -5.14
CA GLY B 201 -0.69 16.87 -4.45
C GLY B 201 -0.38 18.29 -4.86
N LEU B 202 -1.26 18.91 -5.64
CA LEU B 202 -1.19 20.33 -5.97
C LEU B 202 -2.32 21.07 -5.26
N SER B 203 -1.96 22.08 -4.48
CA SER B 203 -2.96 22.86 -3.75
C SER B 203 -3.88 23.61 -4.69
N SER B 204 -3.32 24.22 -5.73
CA SER B 204 -4.08 24.87 -6.78
C SER B 204 -3.55 24.42 -8.13
N PRO B 205 -4.39 24.44 -9.17
CA PRO B 205 -3.97 23.90 -10.47
C PRO B 205 -2.76 24.63 -11.03
N VAL B 206 -1.92 23.86 -11.74
CA VAL B 206 -0.73 24.36 -12.41
C VAL B 206 -1.01 24.48 -13.90
N THR B 207 -0.59 25.59 -14.50
CA THR B 207 -0.73 25.81 -15.93
C THR B 207 0.64 26.04 -16.54
N LYS B 208 0.93 25.34 -17.63
CA LYS B 208 2.07 25.62 -18.49
C LYS B 208 1.54 26.00 -19.86
N SER B 209 2.16 27.00 -20.48
CA SER B 209 1.60 27.58 -21.70
C SER B 209 2.70 28.19 -22.56
N PHE B 210 2.37 28.39 -23.83
CA PHE B 210 3.23 29.10 -24.77
C PHE B 210 2.36 29.95 -25.68
N ASN B 211 3.01 30.73 -26.53
CA ASN B 211 2.36 31.52 -27.56
C ASN B 211 2.94 31.09 -28.91
N ARG B 212 2.06 30.97 -29.91
CA ARG B 212 2.38 30.23 -31.13
C ARG B 212 3.70 30.67 -31.74
N GLY B 213 3.85 31.97 -32.02
CA GLY B 213 4.99 32.43 -32.80
C GLY B 213 6.27 32.62 -32.01
N GLU B 214 6.17 32.90 -30.72
CA GLU B 214 7.30 33.41 -29.96
C GLU B 214 8.08 32.30 -29.25
N GLU C 1 0.53 18.94 1.27
CA GLU C 1 0.63 18.38 2.61
C GLU C 1 0.09 19.35 3.65
N VAL C 2 -1.21 19.32 3.88
CA VAL C 2 -1.82 20.14 4.92
C VAL C 2 -1.53 19.50 6.28
N GLN C 3 -1.36 20.35 7.29
CA GLN C 3 -0.96 19.88 8.61
C GLN C 3 -1.78 20.57 9.69
N LEU C 4 -2.15 19.80 10.72
CA LEU C 4 -2.86 20.31 11.88
C LEU C 4 -2.11 19.83 13.12
N LEU C 5 -1.57 20.75 13.91
CA LEU C 5 -0.72 20.40 15.04
C LEU C 5 -1.33 20.93 16.33
N GLU C 6 -1.85 20.03 17.15
CA GLU C 6 -2.38 20.39 18.46
C GLU C 6 -1.26 20.53 19.48
N SER C 7 -1.50 21.36 20.49
CA SER C 7 -0.58 21.54 21.60
C SER C 7 -1.34 22.15 22.77
N GLY C 8 -0.72 22.13 23.94
CA GLY C 8 -1.30 22.70 25.13
C GLY C 8 -1.89 21.70 26.12
N GLY C 9 -2.03 20.44 25.72
CA GLY C 9 -2.55 19.45 26.64
C GLY C 9 -1.61 19.19 27.80
N GLY C 10 -2.18 18.74 28.91
CA GLY C 10 -1.38 18.49 30.09
C GLY C 10 -2.24 18.07 31.26
N LEU C 11 -1.62 18.03 32.43
CA LEU C 11 -2.29 17.63 33.66
C LEU C 11 -2.81 18.86 34.39
N VAL C 12 -4.11 18.85 34.71
CA VAL C 12 -4.78 20.00 35.31
C VAL C 12 -5.65 19.52 36.46
N GLN C 13 -5.71 20.34 37.52
CA GLN C 13 -6.58 20.04 38.65
C GLN C 13 -8.05 20.07 38.22
N PRO C 14 -8.91 19.28 38.85
CA PRO C 14 -10.35 19.46 38.63
C PRO C 14 -10.77 20.86 39.01
N GLY C 15 -11.61 21.46 38.17
CA GLY C 15 -11.98 22.85 38.32
C GLY C 15 -11.01 23.84 37.72
N GLY C 16 -9.87 23.37 37.20
CA GLY C 16 -8.88 24.26 36.62
C GLY C 16 -9.15 24.56 35.16
N SER C 17 -8.23 25.31 34.56
CA SER C 17 -8.38 25.78 33.18
C SER C 17 -7.17 25.37 32.35
N LEU C 18 -7.42 25.23 31.05
CA LEU C 18 -6.37 24.88 30.09
C LEU C 18 -6.76 25.41 28.73
N ARG C 19 -5.79 25.93 27.99
CA ARG C 19 -6.00 26.45 26.65
C ARG C 19 -5.26 25.56 25.65
N LEU C 20 -6.00 25.03 24.68
CA LEU C 20 -5.42 24.22 23.62
C LEU C 20 -5.22 25.07 22.37
N SER C 21 -4.22 24.70 21.59
CA SER C 21 -3.91 25.38 20.34
C SER C 21 -3.80 24.36 19.22
N CYS C 22 -4.16 24.79 18.02
CA CYS C 22 -4.01 23.97 16.82
C CYS C 22 -3.40 24.83 15.72
N ALA C 23 -2.19 24.49 15.30
CA ALA C 23 -1.49 25.23 14.26
C ALA C 23 -1.86 24.63 12.90
N VAL C 24 -2.31 25.48 12.00
CA VAL C 24 -2.90 25.02 10.74
C VAL C 24 -2.01 25.49 9.59
N SER C 25 -1.91 24.65 8.56
CA SER C 25 -1.08 24.95 7.41
C SER C 25 -1.50 24.06 6.24
N GLY C 26 -1.10 24.46 5.04
CA GLY C 26 -1.31 23.66 3.85
C GLY C 26 -2.59 23.95 3.09
N PHE C 27 -3.49 24.77 3.64
CA PHE C 27 -4.71 25.12 2.93
C PHE C 27 -5.16 26.52 3.34
N THR C 28 -6.23 26.98 2.74
CA THR C 28 -6.78 28.30 3.01
C THR C 28 -7.63 28.24 4.27
N PHE C 29 -7.08 28.73 5.37
CA PHE C 29 -7.74 28.65 6.67
C PHE C 29 -9.07 29.40 6.68
N SER C 30 -9.10 30.59 6.08
CA SER C 30 -10.31 31.40 6.11
C SER C 30 -11.45 30.72 5.36
N LYS C 31 -11.13 29.85 4.40
CA LYS C 31 -12.17 29.21 3.59
C LYS C 31 -12.90 28.09 4.31
N TYR C 32 -12.35 27.55 5.39
CA TYR C 32 -12.85 26.31 5.98
C TYR C 32 -13.20 26.49 7.45
N ALA C 33 -14.30 25.85 7.85
CA ALA C 33 -14.70 25.80 9.25
C ALA C 33 -13.91 24.73 9.99
N MET C 34 -13.74 24.93 11.29
CA MET C 34 -12.88 24.09 12.12
C MET C 34 -13.68 23.50 13.27
N ASN C 35 -13.13 22.42 13.85
CA ASN C 35 -13.82 21.68 14.89
C ASN C 35 -12.83 21.16 15.91
N TRP C 36 -13.35 20.86 17.10
CA TRP C 36 -12.64 20.10 18.12
C TRP C 36 -13.41 18.83 18.40
N VAL C 37 -12.74 17.68 18.29
CA VAL C 37 -13.30 16.38 18.61
C VAL C 37 -12.37 15.71 19.62
N ARG C 38 -12.95 15.09 20.64
CA ARG C 38 -12.17 14.49 21.71
C ARG C 38 -12.50 13.02 21.86
N GLN C 39 -11.54 12.27 22.40
CA GLN C 39 -11.66 10.82 22.56
C GLN C 39 -11.09 10.44 23.93
N ALA C 40 -11.96 10.01 24.84
CA ALA C 40 -11.52 9.57 26.15
C ALA C 40 -10.73 8.26 26.02
N PRO C 41 -9.84 7.98 26.98
CA PRO C 41 -9.00 6.77 26.88
C PRO C 41 -9.83 5.51 26.71
N GLY C 42 -9.62 4.81 25.60
CA GLY C 42 -10.32 3.58 25.32
C GLY C 42 -11.77 3.74 24.93
N LYS C 43 -12.21 4.95 24.60
CA LYS C 43 -13.61 5.23 24.29
C LYS C 43 -13.72 5.72 22.85
N GLY C 44 -14.93 6.16 22.48
CA GLY C 44 -15.21 6.61 21.13
C GLY C 44 -14.95 8.10 20.93
N LEU C 45 -15.49 8.61 19.84
CA LEU C 45 -15.30 10.00 19.45
C LEU C 45 -16.51 10.83 19.87
N GLU C 46 -16.24 12.08 20.27
CA GLU C 46 -17.29 12.99 20.71
C GLU C 46 -16.97 14.38 20.17
N TRP C 47 -17.80 14.87 19.26
CA TRP C 47 -17.64 16.25 18.79
C TRP C 47 -17.88 17.22 19.95
N VAL C 48 -17.07 18.27 20.01
CA VAL C 48 -17.04 19.20 21.13
C VAL C 48 -17.46 20.60 20.71
N SER C 49 -16.88 21.12 19.63
CA SER C 49 -17.15 22.49 19.24
C SER C 49 -16.92 22.65 17.75
N HIS C 50 -17.48 23.75 17.21
CA HIS C 50 -17.36 24.09 15.81
C HIS C 50 -17.35 25.60 15.69
N ILE C 51 -16.42 26.13 14.90
CA ILE C 51 -16.38 27.55 14.57
C ILE C 51 -16.41 27.69 13.06
N SER C 52 -17.20 28.66 12.58
CA SER C 52 -17.32 28.89 11.15
C SER C 52 -16.04 29.54 10.60
N GLY C 53 -15.91 29.50 9.27
CA GLY C 53 -14.76 30.12 8.64
C GLY C 53 -14.69 31.62 8.89
N SER C 54 -15.85 32.28 8.86
CA SER C 54 -15.90 33.69 9.20
C SER C 54 -15.50 33.93 10.64
N GLY C 55 -15.81 32.99 11.54
CA GLY C 55 -15.60 33.17 12.95
C GLY C 55 -16.80 33.74 13.69
N ILE C 56 -17.91 33.97 12.99
CA ILE C 56 -19.08 34.58 13.62
C ILE C 56 -19.92 33.54 14.34
N SER C 57 -20.06 32.35 13.74
CA SER C 57 -20.92 31.30 14.26
C SER C 57 -20.09 30.26 15.00
N THR C 58 -20.33 30.11 16.30
CA THR C 58 -19.70 29.08 17.11
C THR C 58 -20.77 28.18 17.71
N TYR C 59 -20.44 26.90 17.84
CA TYR C 59 -21.37 25.89 18.34
C TYR C 59 -20.63 24.99 19.32
N TYR C 60 -21.35 24.48 20.30
CA TYR C 60 -20.77 23.63 21.33
C TYR C 60 -21.70 22.48 21.65
N ALA C 61 -21.11 21.35 22.03
CA ALA C 61 -21.90 20.24 22.54
C ALA C 61 -22.40 20.55 23.95
N ASP C 62 -23.52 19.92 24.31
CA ASP C 62 -24.11 20.18 25.62
C ASP C 62 -23.16 19.82 26.76
N SER C 63 -22.32 18.80 26.57
CA SER C 63 -21.42 18.37 27.62
C SER C 63 -20.41 19.45 28.01
N VAL C 64 -20.11 20.38 27.12
CA VAL C 64 -19.11 21.41 27.36
C VAL C 64 -19.68 22.82 27.27
N LYS C 65 -20.99 22.98 27.08
CA LYS C 65 -21.55 24.31 26.91
C LYS C 65 -21.37 25.14 28.17
N GLY C 66 -20.95 26.39 27.98
CA GLY C 66 -20.69 27.32 29.06
C GLY C 66 -19.28 27.30 29.59
N ARG C 67 -18.62 26.14 29.54
CA ARG C 67 -17.26 25.99 30.05
C ARG C 67 -16.19 26.16 28.99
N PHE C 68 -16.44 25.68 27.77
CA PHE C 68 -15.46 25.73 26.70
C PHE C 68 -15.77 26.90 25.78
N THR C 69 -14.73 27.45 25.16
CA THR C 69 -14.87 28.57 24.23
C THR C 69 -13.95 28.33 23.04
N ILE C 70 -14.54 28.10 21.88
CA ILE C 70 -13.75 27.97 20.65
C ILE C 70 -13.39 29.35 20.12
N SER C 71 -12.27 29.42 19.41
CA SER C 71 -11.76 30.69 18.92
C SER C 71 -10.79 30.42 17.78
N ARG C 72 -10.60 31.42 16.93
CA ARG C 72 -9.68 31.28 15.81
C ARG C 72 -9.04 32.62 15.49
N ASP C 73 -7.78 32.58 15.10
CA ASP C 73 -7.05 33.72 14.56
C ASP C 73 -6.75 33.36 13.10
N THR C 74 -7.65 33.75 12.20
CA THR C 74 -7.51 33.39 10.80
C THR C 74 -6.22 33.93 10.20
N SER C 75 -5.71 35.04 10.73
CA SER C 75 -4.51 35.65 10.17
C SER C 75 -3.25 34.86 10.51
N LYS C 76 -3.16 34.34 11.74
CA LYS C 76 -1.99 33.57 12.17
C LYS C 76 -2.18 32.07 12.00
N ASN C 77 -3.26 31.65 11.33
CA ASN C 77 -3.51 30.24 11.06
C ASN C 77 -3.55 29.42 12.35
N MET C 78 -4.25 29.94 13.35
CA MET C 78 -4.31 29.31 14.66
C MET C 78 -5.77 29.07 15.04
N LEU C 79 -6.02 27.91 15.62
CA LEU C 79 -7.32 27.58 16.19
C LEU C 79 -7.13 27.26 17.66
N TYR C 80 -8.07 27.71 18.50
CA TYR C 80 -7.91 27.64 19.95
C TYR C 80 -9.13 27.00 20.58
N LEU C 81 -8.94 26.47 21.78
CA LEU C 81 -10.03 25.95 22.61
C LEU C 81 -9.71 26.28 24.06
N GLN C 82 -10.51 27.17 24.65
CA GLN C 82 -10.36 27.51 26.06
C GLN C 82 -11.30 26.65 26.89
N MET C 83 -10.76 25.96 27.88
CA MET C 83 -11.52 25.05 28.72
C MET C 83 -11.44 25.49 30.17
N ASN C 84 -12.60 25.65 30.81
CA ASN C 84 -12.68 26.08 32.20
C ASN C 84 -13.55 25.10 32.97
N SER C 85 -13.41 25.14 34.30
CA SER C 85 -14.17 24.27 35.20
C SER C 85 -14.06 22.80 34.77
N LEU C 86 -12.82 22.40 34.46
CA LEU C 86 -12.59 21.07 33.91
C LEU C 86 -12.99 20.00 34.90
N ARG C 87 -13.57 18.93 34.36
CA ARG C 87 -14.01 17.78 35.16
C ARG C 87 -13.21 16.56 34.74
N ALA C 88 -13.22 15.54 35.60
CA ALA C 88 -12.47 14.32 35.31
C ALA C 88 -12.91 13.69 33.99
N GLU C 89 -14.20 13.80 33.67
CA GLU C 89 -14.73 13.26 32.42
C GLU C 89 -14.27 14.04 31.19
N ASP C 90 -13.66 15.20 31.37
CA ASP C 90 -13.07 15.91 30.24
C ASP C 90 -11.73 15.33 29.82
N THR C 91 -11.18 14.39 30.59
CA THR C 91 -9.94 13.73 30.22
C THR C 91 -10.11 13.01 28.90
N ALA C 92 -9.28 13.37 27.92
CA ALA C 92 -9.41 12.82 26.57
C ALA C 92 -8.23 13.32 25.73
N ILE C 93 -8.03 12.65 24.60
CA ILE C 93 -7.22 13.20 23.53
C ILE C 93 -8.11 14.16 22.73
N TYR C 94 -7.66 15.40 22.59
CA TYR C 94 -8.44 16.42 21.88
C TYR C 94 -7.87 16.59 20.48
N TYR C 95 -8.72 16.35 19.48
CA TYR C 95 -8.34 16.44 18.08
C TYR C 95 -8.83 17.74 17.49
N CYS C 96 -7.96 18.40 16.72
CA CYS C 96 -8.33 19.54 15.91
C CYS C 96 -8.67 19.04 14.51
N ALA C 97 -9.88 19.37 14.02
CA ALA C 97 -10.41 18.76 12.81
C ALA C 97 -10.97 19.80 11.87
N LYS C 98 -10.67 19.64 10.58
CA LYS C 98 -11.06 20.58 9.55
C LYS C 98 -12.23 20.04 8.73
N ASP C 99 -13.19 20.91 8.42
CA ASP C 99 -14.35 20.50 7.65
C ASP C 99 -13.99 20.23 6.19
N ALA C 100 -14.76 19.32 5.57
CA ALA C 100 -14.34 18.74 4.30
C ALA C 100 -14.37 19.76 3.17
N ILE C 101 -15.46 20.53 3.05
CA ILE C 101 -15.64 21.44 1.92
C ILE C 101 -16.05 22.81 2.45
N SER C 102 -15.79 23.83 1.64
CA SER C 102 -16.21 25.19 1.95
C SER C 102 -17.66 25.35 1.52
N GLY C 103 -18.51 25.75 2.46
CA GLY C 103 -19.95 25.82 2.29
C GLY C 103 -20.53 25.99 3.68
N GLN C 104 -21.68 25.40 3.97
CA GLN C 104 -22.15 25.30 5.36
C GLN C 104 -23.34 24.35 5.41
N ILE C 105 -23.92 24.22 6.60
CA ILE C 105 -25.02 23.35 7.03
C ILE C 105 -25.19 22.07 6.20
N TRP C 106 -25.67 22.19 4.95
CA TRP C 106 -25.97 21.00 4.17
C TRP C 106 -24.72 20.17 3.89
N LEU C 107 -23.57 20.82 3.73
CA LEU C 107 -22.35 20.12 3.34
C LEU C 107 -21.25 20.26 4.39
N GLN C 108 -21.61 20.08 5.66
CA GLN C 108 -20.65 20.17 6.76
C GLN C 108 -20.90 19.03 7.74
N GLY C 109 -20.06 18.97 8.77
CA GLY C 109 -20.09 17.87 9.72
C GLY C 109 -19.21 16.70 9.33
N THR C 110 -18.53 16.77 8.20
CA THR C 110 -17.61 15.74 7.74
C THR C 110 -16.20 16.30 7.79
N PHE C 111 -15.31 15.64 8.52
CA PHE C 111 -13.95 16.11 8.74
C PHE C 111 -12.98 15.23 7.94
N ASP C 112 -12.27 15.85 7.01
CA ASP C 112 -11.36 15.11 6.13
C ASP C 112 -9.91 15.19 6.56
N TYR C 113 -9.56 16.08 7.49
CA TYR C 113 -8.20 16.14 8.01
C TYR C 113 -8.23 16.37 9.51
N TRP C 114 -7.43 15.58 10.24
CA TRP C 114 -7.34 15.67 11.69
C TRP C 114 -5.88 15.83 12.08
N GLY C 115 -5.66 16.51 13.21
CA GLY C 115 -4.36 16.54 13.83
C GLY C 115 -4.09 15.26 14.60
N GLN C 116 -2.88 15.17 15.16
CA GLN C 116 -2.51 13.96 15.90
C GLN C 116 -3.06 13.94 17.32
N GLY C 117 -3.51 15.08 17.83
CA GLY C 117 -4.18 15.12 19.12
C GLY C 117 -3.24 15.52 20.25
N THR C 118 -3.81 16.10 21.29
CA THR C 118 -3.09 16.45 22.50
C THR C 118 -3.87 15.93 23.70
N LEU C 119 -3.16 15.43 24.71
CA LEU C 119 -3.78 14.73 25.82
C LEU C 119 -4.04 15.69 26.98
N VAL C 120 -5.28 15.70 27.46
CA VAL C 120 -5.67 16.49 28.62
C VAL C 120 -6.04 15.52 29.73
N THR C 121 -5.37 15.64 30.88
CA THR C 121 -5.63 14.81 32.04
C THR C 121 -6.13 15.68 33.17
N VAL C 122 -7.35 15.43 33.63
CA VAL C 122 -7.95 16.15 34.74
C VAL C 122 -7.91 15.24 35.95
N SER C 123 -7.08 15.60 36.93
CA SER C 123 -6.87 14.78 38.11
C SER C 123 -6.09 15.61 39.13
N SER C 124 -6.23 15.24 40.40
CA SER C 124 -5.46 15.84 41.47
C SER C 124 -4.21 15.03 41.82
N ALA C 125 -3.96 13.93 41.12
CA ALA C 125 -2.76 13.15 41.37
C ALA C 125 -1.52 13.92 40.94
N SER C 126 -0.40 13.59 41.57
CA SER C 126 0.84 14.33 41.37
C SER C 126 1.60 13.81 40.15
N THR C 127 2.32 14.72 39.50
CA THR C 127 3.26 14.33 38.46
C THR C 127 4.44 13.59 39.10
N LYS C 128 4.78 12.43 38.54
CA LYS C 128 5.88 11.63 39.06
C LYS C 128 6.59 10.95 37.89
N GLY C 129 7.92 11.09 37.86
CA GLY C 129 8.73 10.47 36.84
C GLY C 129 8.97 9.01 37.11
N PRO C 130 9.19 8.23 36.07
CA PRO C 130 9.35 6.79 36.23
C PRO C 130 10.76 6.38 36.60
N SER C 131 10.88 5.16 37.10
CA SER C 131 12.14 4.45 37.17
C SER C 131 12.21 3.45 36.03
N VAL C 132 13.41 3.27 35.50
CA VAL C 132 13.64 2.38 34.37
C VAL C 132 14.54 1.24 34.83
N PHE C 133 14.07 0.01 34.68
CA PHE C 133 14.77 -1.18 35.10
C PHE C 133 14.99 -2.12 33.92
N PRO C 134 16.09 -2.87 33.92
CA PRO C 134 16.38 -3.76 32.80
C PRO C 134 15.62 -5.07 32.88
N LEU C 135 15.25 -5.57 31.71
CA LEU C 135 14.74 -6.93 31.53
C LEU C 135 15.85 -7.68 30.77
N ALA C 136 16.79 -8.24 31.53
CA ALA C 136 18.01 -8.76 30.94
C ALA C 136 17.74 -10.04 30.17
N PRO C 137 18.41 -10.24 29.02
CA PRO C 137 18.27 -11.51 28.29
C PRO C 137 18.89 -12.65 29.09
N SER C 138 18.13 -13.74 29.21
CA SER C 138 18.58 -14.87 30.02
C SER C 138 19.83 -15.50 29.45
N SER C 139 20.67 -16.04 30.32
CA SER C 139 21.86 -16.77 29.91
C SER C 139 21.56 -18.23 29.54
N LYS C 140 20.29 -18.56 29.31
CA LYS C 140 19.90 -19.92 29.01
C LYS C 140 19.17 -20.06 27.68
N SER C 141 18.87 -18.96 27.00
CA SER C 141 18.15 -19.03 25.73
C SER C 141 19.02 -19.68 24.67
N THR C 142 18.35 -20.14 23.61
CA THR C 142 18.99 -20.89 22.55
C THR C 142 20.18 -20.12 22.00
N SER C 143 21.35 -20.76 21.97
CA SER C 143 22.59 -20.07 21.64
C SER C 143 22.61 -19.55 20.20
N GLY C 144 21.82 -20.15 19.31
CA GLY C 144 21.78 -19.70 17.93
C GLY C 144 20.38 -19.39 17.47
N GLY C 145 19.51 -19.00 18.41
CA GLY C 145 18.14 -18.68 18.08
C GLY C 145 17.79 -17.24 18.41
N THR C 146 16.68 -17.03 19.11
CA THR C 146 16.17 -15.71 19.42
C THR C 146 16.23 -15.46 20.92
N ALA C 147 16.78 -14.32 21.32
CA ALA C 147 16.75 -13.85 22.69
C ALA C 147 15.83 -12.64 22.81
N ALA C 148 15.37 -12.40 24.03
CA ALA C 148 14.49 -11.28 24.31
C ALA C 148 15.02 -10.47 25.47
N LEU C 149 14.96 -9.15 25.33
CA LEU C 149 15.37 -8.24 26.39
C LEU C 149 14.44 -7.04 26.36
N GLY C 150 14.49 -6.22 27.41
CA GLY C 150 13.60 -5.08 27.43
C GLY C 150 13.87 -4.15 28.60
N CYS C 151 13.02 -3.13 28.69
CA CYS C 151 13.08 -2.12 29.73
C CYS C 151 11.72 -2.01 30.41
N LEU C 152 11.74 -2.00 31.74
CA LEU C 152 10.52 -1.82 32.53
C LEU C 152 10.46 -0.37 33.01
N VAL C 153 9.43 0.35 32.58
CA VAL C 153 9.23 1.76 32.90
C VAL C 153 8.10 1.81 33.93
N LYS C 154 8.46 2.03 35.19
CA LYS C 154 7.55 1.79 36.30
C LYS C 154 7.25 3.07 37.08
N ASP C 155 6.01 3.18 37.54
CA ASP C 155 5.58 4.17 38.54
C ASP C 155 5.76 5.61 38.04
N TYR C 156 4.97 5.96 37.02
CA TYR C 156 4.92 7.33 36.52
C TYR C 156 3.47 7.80 36.43
N PHE C 157 3.32 9.12 36.34
CA PHE C 157 2.03 9.79 36.15
C PHE C 157 2.31 11.22 35.70
N PRO C 158 1.53 11.75 34.75
CA PRO C 158 0.46 11.11 33.98
C PRO C 158 1.01 10.44 32.73
N GLU C 159 0.12 9.97 31.85
CA GLU C 159 0.54 9.56 30.52
C GLU C 159 0.98 10.80 29.74
N PRO C 160 1.79 10.61 28.69
CA PRO C 160 2.38 9.38 28.17
C PRO C 160 3.88 9.26 28.38
N VAL C 161 4.45 8.09 28.11
CA VAL C 161 5.89 7.95 27.95
C VAL C 161 6.15 7.34 26.58
N THR C 162 7.30 7.67 26.00
CA THR C 162 7.74 7.12 24.74
C THR C 162 9.01 6.31 24.95
N VAL C 163 9.14 5.21 24.23
CA VAL C 163 10.33 4.37 24.29
C VAL C 163 10.81 4.10 22.87
N SER C 164 12.09 4.34 22.63
CA SER C 164 12.77 3.90 21.43
C SER C 164 13.97 3.06 21.83
N TRP C 165 14.56 2.37 20.85
CA TRP C 165 15.72 1.53 21.08
C TRP C 165 16.86 1.98 20.17
N ASN C 166 18.04 2.19 20.77
CA ASN C 166 19.23 2.62 20.05
C ASN C 166 18.98 3.90 19.27
N SER C 167 18.32 4.87 19.93
CA SER C 167 18.03 6.17 19.36
C SER C 167 17.23 6.07 18.06
N GLY C 168 16.37 5.05 17.96
CA GLY C 168 15.52 4.85 16.80
C GLY C 168 16.10 3.97 15.73
N ALA C 169 17.36 3.53 15.86
CA ALA C 169 17.95 2.65 14.86
C ALA C 169 17.46 1.22 14.95
N LEU C 170 16.94 0.80 16.11
CA LEU C 170 16.43 -0.55 16.32
C LEU C 170 14.91 -0.47 16.38
N THR C 171 14.24 -1.00 15.35
CA THR C 171 12.79 -0.90 15.25
C THR C 171 12.16 -2.28 15.04
N SER C 172 12.90 -3.20 14.45
CA SER C 172 12.37 -4.51 14.14
C SER C 172 12.35 -5.39 15.39
N GLY C 173 11.24 -6.09 15.58
CA GLY C 173 11.08 -6.95 16.74
C GLY C 173 10.77 -6.24 18.03
N VAL C 174 10.48 -4.93 17.98
CA VAL C 174 10.22 -4.14 19.17
C VAL C 174 8.73 -4.19 19.48
N HIS C 175 8.40 -4.48 20.73
CA HIS C 175 7.02 -4.42 21.22
C HIS C 175 7.01 -3.52 22.46
N THR C 176 6.41 -2.34 22.32
CA THR C 176 6.23 -1.42 23.44
C THR C 176 4.77 -1.55 23.89
N PHE C 177 4.57 -2.10 25.08
CA PHE C 177 3.24 -2.45 25.54
C PHE C 177 2.47 -1.22 25.99
N PRO C 178 1.15 -1.23 25.85
CA PRO C 178 0.34 -0.14 26.40
C PRO C 178 0.50 -0.07 27.92
N ALA C 179 0.43 1.16 28.44
CA ALA C 179 0.60 1.35 29.87
C ALA C 179 -0.55 0.71 30.64
N VAL C 180 -0.25 0.31 31.87
CA VAL C 180 -1.22 -0.30 32.76
C VAL C 180 -1.28 0.53 34.04
N LEU C 181 -2.50 0.86 34.46
CA LEU C 181 -2.69 1.63 35.69
C LEU C 181 -2.66 0.68 36.88
N GLN C 182 -1.66 0.85 37.74
CA GLN C 182 -1.53 0.01 38.92
C GLN C 182 -2.47 0.49 40.03
N SER C 183 -2.67 -0.38 41.02
CA SER C 183 -3.57 -0.05 42.13
C SER C 183 -3.06 1.14 42.94
N SER C 184 -1.78 1.48 42.82
CA SER C 184 -1.24 2.68 43.45
C SER C 184 -1.69 3.96 42.76
N GLY C 185 -2.32 3.85 41.58
CA GLY C 185 -2.65 5.02 40.80
C GLY C 185 -1.56 5.50 39.87
N LEU C 186 -0.42 4.81 39.83
CA LEU C 186 0.67 5.13 38.93
C LEU C 186 0.65 4.18 37.74
N TYR C 187 1.21 4.65 36.62
CA TYR C 187 1.28 3.84 35.42
C TYR C 187 2.59 3.07 35.37
N SER C 188 2.59 1.97 34.61
CA SER C 188 3.78 1.20 34.34
C SER C 188 3.63 0.52 33.00
N LEU C 189 4.73 0.45 32.26
CA LEU C 189 4.73 -0.27 30.99
C LEU C 189 6.10 -0.90 30.78
N SER C 190 6.17 -1.80 29.81
CA SER C 190 7.41 -2.44 29.41
C SER C 190 7.58 -2.29 27.91
N SER C 191 8.84 -2.23 27.47
CA SER C 191 9.20 -2.30 26.07
C SER C 191 10.21 -3.42 25.91
N VAL C 192 9.95 -4.32 24.96
CA VAL C 192 10.80 -5.47 24.74
C VAL C 192 11.19 -5.55 23.27
N VAL C 193 12.26 -6.29 23.00
CA VAL C 193 12.71 -6.52 21.64
C VAL C 193 13.32 -7.92 21.57
N THR C 194 13.05 -8.62 20.47
CA THR C 194 13.68 -9.91 20.21
C THR C 194 14.89 -9.69 19.30
N VAL C 195 16.03 -10.25 19.68
CA VAL C 195 17.28 -10.05 18.97
C VAL C 195 17.96 -11.41 18.81
N PRO C 196 18.87 -11.52 17.83
CA PRO C 196 19.67 -12.75 17.72
C PRO C 196 20.48 -13.00 18.97
N SER C 197 20.50 -14.26 19.41
CA SER C 197 21.23 -14.62 20.62
C SER C 197 22.73 -14.47 20.45
N SER C 198 23.24 -14.69 19.23
CA SER C 198 24.67 -14.52 18.99
C SER C 198 25.08 -13.06 19.12
N SER C 199 24.17 -12.13 18.84
CA SER C 199 24.50 -10.71 18.89
C SER C 199 24.71 -10.19 20.31
N LEU C 200 24.25 -10.93 21.32
CA LEU C 200 24.50 -10.53 22.70
C LEU C 200 25.99 -10.54 22.99
N GLY C 201 26.50 -9.42 23.50
CA GLY C 201 27.92 -9.23 23.65
C GLY C 201 28.60 -8.59 22.45
N THR C 202 27.92 -8.56 21.30
CA THR C 202 28.39 -7.82 20.13
C THR C 202 27.69 -6.47 19.99
N GLN C 203 26.37 -6.47 20.08
CA GLN C 203 25.57 -5.25 19.92
C GLN C 203 25.13 -4.73 21.29
N THR C 204 25.33 -3.44 21.51
CA THR C 204 24.74 -2.78 22.67
C THR C 204 23.28 -2.47 22.40
N TYR C 205 22.45 -2.66 23.42
CA TYR C 205 21.03 -2.35 23.34
C TYR C 205 20.71 -1.31 24.41
N ILE C 206 20.18 -0.17 23.98
CA ILE C 206 19.84 0.94 24.86
C ILE C 206 18.40 1.34 24.57
N CYS C 207 17.58 1.42 25.61
CA CYS C 207 16.22 1.93 25.48
C CYS C 207 16.21 3.40 25.88
N ASN C 208 15.63 4.23 25.02
CA ASN C 208 15.56 5.67 25.25
C ASN C 208 14.15 6.00 25.76
N VAL C 209 14.06 6.40 27.02
CA VAL C 209 12.80 6.62 27.71
C VAL C 209 12.61 8.12 27.91
N ASN C 210 11.44 8.62 27.56
CA ASN C 210 11.09 10.02 27.75
C ASN C 210 9.72 10.11 28.40
N HIS C 211 9.67 10.69 29.60
CA HIS C 211 8.42 11.08 30.25
C HIS C 211 8.43 12.61 30.30
N LYS C 212 7.99 13.22 29.20
CA LYS C 212 7.99 14.67 29.11
C LYS C 212 7.19 15.37 30.21
N PRO C 213 6.03 14.86 30.67
CA PRO C 213 5.31 15.58 31.74
C PRO C 213 6.13 15.81 33.00
N SER C 214 7.05 14.91 33.34
CA SER C 214 7.87 15.06 34.53
C SER C 214 9.29 15.52 34.21
N ASN C 215 9.58 15.84 32.95
CA ASN C 215 10.91 16.28 32.52
C ASN C 215 11.95 15.19 32.77
N THR C 216 11.61 13.94 32.46
CA THR C 216 12.47 12.79 32.73
C THR C 216 12.92 12.17 31.41
N LYS C 217 14.23 12.17 31.18
CA LYS C 217 14.84 11.51 30.03
C LYS C 217 15.89 10.54 30.52
N VAL C 218 15.77 9.27 30.11
CA VAL C 218 16.66 8.22 30.58
C VAL C 218 17.07 7.34 29.40
N ASP C 219 18.37 7.04 29.33
CA ASP C 219 18.89 5.99 28.47
C ASP C 219 19.37 4.84 29.34
N LYS C 220 18.87 3.64 29.10
CA LYS C 220 19.21 2.46 29.88
C LYS C 220 19.82 1.40 28.97
N LYS C 221 21.09 1.07 29.20
CA LYS C 221 21.72 -0.05 28.51
C LYS C 221 21.30 -1.35 29.16
N VAL C 222 20.93 -2.33 28.34
CA VAL C 222 20.46 -3.64 28.81
C VAL C 222 21.44 -4.69 28.31
N GLU C 223 21.98 -5.49 29.23
CA GLU C 223 23.01 -6.46 28.95
C GLU C 223 22.75 -7.72 29.75
N PRO C 224 23.31 -8.86 29.31
CA PRO C 224 23.23 -10.08 30.13
C PRO C 224 23.83 -9.85 31.51
N LYS C 225 23.14 -10.36 32.53
CA LYS C 225 23.42 -9.93 33.90
C LYS C 225 24.79 -10.33 34.43
N SER C 226 24.94 -11.59 34.84
CA SER C 226 26.18 -12.14 35.38
C SER C 226 25.97 -13.56 35.86
N CYS C 227 27.06 -14.33 36.00
CA CYS C 227 27.09 -15.63 36.67
C CYS C 227 25.87 -16.52 36.39
N GLU D 1 -31.49 14.09 20.08
CA GLU D 1 -30.27 13.71 19.38
C GLU D 1 -30.41 12.33 18.74
N ILE D 2 -29.84 12.17 17.56
CA ILE D 2 -29.87 10.89 16.85
C ILE D 2 -28.76 10.01 17.40
N VAL D 3 -29.09 8.75 17.67
CA VAL D 3 -28.16 7.79 18.26
C VAL D 3 -27.74 6.81 17.18
N MET D 4 -26.43 6.64 17.02
CA MET D 4 -25.87 5.72 16.03
C MET D 4 -25.38 4.46 16.72
N THR D 5 -25.75 3.31 16.17
CA THR D 5 -25.45 2.01 16.77
C THR D 5 -24.71 1.14 15.76
N GLN D 6 -23.62 0.52 16.21
CA GLN D 6 -22.80 -0.35 15.36
C GLN D 6 -22.74 -1.72 16.03
N SER D 7 -23.48 -2.69 15.47
CA SER D 7 -23.51 -4.04 16.01
C SER D 7 -23.34 -5.03 14.87
N PRO D 8 -22.48 -6.06 15.03
CA PRO D 8 -21.66 -6.35 16.21
C PRO D 8 -20.51 -5.35 16.40
N ALA D 9 -20.12 -5.10 17.65
CA ALA D 9 -19.04 -4.17 17.94
C ALA D 9 -17.67 -4.74 17.63
N THR D 10 -17.56 -6.06 17.46
CA THR D 10 -16.32 -6.69 17.08
C THR D 10 -16.55 -7.61 15.88
N LEU D 11 -15.51 -7.77 15.06
CA LEU D 11 -15.55 -8.65 13.90
C LEU D 11 -14.16 -9.23 13.69
N SER D 12 -14.13 -10.46 13.18
CA SER D 12 -12.87 -11.15 12.90
C SER D 12 -13.00 -11.81 11.55
N VAL D 13 -12.24 -11.31 10.57
CA VAL D 13 -12.36 -11.74 9.18
C VAL D 13 -10.98 -12.07 8.64
N SER D 14 -10.88 -13.16 7.87
CA SER D 14 -9.63 -13.56 7.28
C SER D 14 -9.23 -12.59 6.16
N PRO D 15 -7.93 -12.35 5.97
CA PRO D 15 -7.49 -11.53 4.85
C PRO D 15 -7.87 -12.16 3.52
N GLY D 16 -8.27 -11.31 2.57
CA GLY D 16 -8.77 -11.77 1.29
C GLY D 16 -10.24 -12.08 1.25
N GLU D 17 -10.93 -12.03 2.40
CA GLU D 17 -12.36 -12.24 2.47
C GLU D 17 -13.09 -10.91 2.60
N ARG D 18 -14.40 -10.95 2.38
CA ARG D 18 -15.22 -9.75 2.44
C ARG D 18 -15.64 -9.48 3.88
N ALA D 19 -15.53 -8.22 4.29
CA ALA D 19 -15.94 -7.78 5.61
C ALA D 19 -17.05 -6.74 5.47
N THR D 20 -18.14 -6.92 6.21
CA THR D 20 -19.28 -6.01 6.18
C THR D 20 -19.55 -5.51 7.60
N LEU D 21 -19.61 -4.19 7.75
CA LEU D 21 -19.84 -3.55 9.03
C LEU D 21 -21.18 -2.81 8.98
N SER D 22 -21.95 -2.91 10.05
CA SER D 22 -23.31 -2.38 10.09
C SER D 22 -23.38 -1.15 10.99
N CYS D 23 -24.06 -0.12 10.51
CA CYS D 23 -24.32 1.08 11.28
C CYS D 23 -25.80 1.43 11.16
N ARG D 24 -26.47 1.58 12.30
CA ARG D 24 -27.89 1.86 12.35
C ARG D 24 -28.14 3.17 13.08
N ALA D 25 -29.15 3.91 12.64
CA ALA D 25 -29.51 5.20 13.20
C ALA D 25 -30.86 5.12 13.90
N SER D 26 -30.99 5.85 15.01
CA SER D 26 -32.28 5.90 15.70
C SER D 26 -33.34 6.55 14.83
N GLN D 27 -32.98 7.60 14.09
CA GLN D 27 -33.87 8.27 13.16
C GLN D 27 -33.15 8.43 11.83
N SER D 28 -33.93 8.79 10.81
CA SER D 28 -33.39 8.92 9.46
C SER D 28 -32.34 10.03 9.41
N VAL D 29 -31.29 9.78 8.63
CA VAL D 29 -30.24 10.77 8.40
C VAL D 29 -30.00 10.88 6.90
N SER D 30 -30.94 10.37 6.10
CA SER D 30 -30.87 10.39 4.65
C SER D 30 -29.58 9.75 4.15
N SER D 31 -28.80 10.49 3.37
CA SER D 31 -27.48 10.06 2.93
C SER D 31 -26.37 10.77 3.68
N ASN D 32 -26.71 11.58 4.69
CA ASN D 32 -25.70 12.34 5.43
C ASN D 32 -25.10 11.47 6.55
N LEU D 33 -24.33 10.48 6.11
CA LEU D 33 -23.57 9.62 7.00
C LEU D 33 -22.15 9.51 6.50
N ALA D 34 -21.20 9.42 7.44
CA ALA D 34 -19.79 9.30 7.11
C ALA D 34 -19.19 8.11 7.84
N TRP D 35 -18.12 7.56 7.27
CA TRP D 35 -17.35 6.48 7.87
C TRP D 35 -15.92 6.94 8.09
N TYR D 36 -15.35 6.52 9.21
CA TYR D 36 -13.95 6.84 9.53
C TYR D 36 -13.20 5.57 9.89
N GLN D 37 -11.89 5.62 9.70
CA GLN D 37 -10.98 4.56 10.07
C GLN D 37 -9.99 5.09 11.09
N GLN D 38 -9.85 4.39 12.22
CA GLN D 38 -8.88 4.76 13.25
C GLN D 38 -8.00 3.56 13.58
N LYS D 39 -6.78 3.57 13.03
CA LYS D 39 -5.76 2.64 13.44
C LYS D 39 -5.25 3.01 14.83
N PRO D 40 -4.70 2.04 15.58
CA PRO D 40 -4.26 2.33 16.94
C PRO D 40 -3.21 3.44 16.98
N GLY D 41 -3.39 4.37 17.92
CA GLY D 41 -2.47 5.46 18.12
C GLY D 41 -2.59 6.60 17.14
N GLN D 42 -3.53 6.54 16.21
CA GLN D 42 -3.64 7.51 15.13
C GLN D 42 -4.98 8.23 15.19
N ALA D 43 -5.03 9.38 14.53
CA ALA D 43 -6.26 10.13 14.38
C ALA D 43 -7.20 9.41 13.43
N PRO D 44 -8.50 9.70 13.50
CA PRO D 44 -9.44 9.12 12.54
C PRO D 44 -9.15 9.61 11.13
N ARG D 45 -9.51 8.77 10.15
CA ARG D 45 -9.34 9.11 8.74
C ARG D 45 -10.67 8.93 8.02
N LEU D 46 -11.07 9.96 7.28
CA LEU D 46 -12.34 9.92 6.56
C LEU D 46 -12.29 8.91 5.43
N LEU D 47 -13.21 7.95 5.43
CA LEU D 47 -13.32 6.94 4.39
C LEU D 47 -14.46 7.24 3.41
N ILE D 48 -15.66 7.47 3.93
CA ILE D 48 -16.86 7.65 3.13
C ILE D 48 -17.62 8.86 3.64
N TYR D 49 -18.16 9.65 2.72
CA TYR D 49 -19.12 10.71 3.03
C TYR D 49 -20.26 10.61 2.04
N GLY D 50 -21.40 11.19 2.41
CA GLY D 50 -22.59 11.00 1.59
C GLY D 50 -23.09 9.58 1.56
N ALA D 51 -22.57 8.74 2.46
CA ALA D 51 -22.99 7.36 2.71
C ALA D 51 -22.56 6.40 1.60
N SER D 52 -22.08 6.93 0.47
CA SER D 52 -21.57 6.06 -0.58
C SER D 52 -20.36 6.61 -1.34
N THR D 53 -19.91 7.83 -1.05
CA THR D 53 -18.85 8.46 -1.81
C THR D 53 -17.51 8.24 -1.10
N ARG D 54 -16.56 7.63 -1.81
CA ARG D 54 -15.22 7.45 -1.27
C ARG D 54 -14.49 8.79 -1.19
N ALA D 55 -13.75 8.98 -0.10
CA ALA D 55 -12.92 10.16 0.03
C ALA D 55 -11.64 9.99 -0.78
N THR D 56 -10.89 11.09 -0.90
CA THR D 56 -9.68 11.07 -1.71
C THR D 56 -8.62 10.16 -1.12
N GLY D 57 -7.95 9.40 -1.97
CA GLY D 57 -6.89 8.50 -1.56
C GLY D 57 -7.34 7.20 -0.94
N ILE D 58 -8.64 6.94 -0.87
CA ILE D 58 -9.17 5.72 -0.26
C ILE D 58 -9.22 4.63 -1.32
N PRO D 59 -8.61 3.46 -1.06
CA PRO D 59 -8.54 2.43 -2.10
C PRO D 59 -9.93 1.91 -2.45
N PRO D 60 -10.12 1.44 -3.69
CA PRO D 60 -11.47 1.06 -4.14
C PRO D 60 -12.09 -0.11 -3.41
N ARG D 61 -11.33 -0.89 -2.64
CA ARG D 61 -11.93 -2.01 -1.93
C ARG D 61 -12.92 -1.56 -0.87
N PHE D 62 -12.85 -0.31 -0.44
CA PHE D 62 -13.78 0.26 0.52
C PHE D 62 -15.00 0.81 -0.21
N SER D 63 -16.20 0.42 0.24
CA SER D 63 -17.43 0.95 -0.31
C SER D 63 -18.47 1.06 0.79
N GLY D 64 -19.40 1.99 0.60
CA GLY D 64 -20.48 2.17 1.56
C GLY D 64 -21.81 2.29 0.86
N SER D 65 -22.85 1.85 1.55
CA SER D 65 -24.20 1.82 1.00
C SER D 65 -25.21 2.08 2.11
N GLY D 66 -26.43 2.37 1.71
CA GLY D 66 -27.54 2.54 2.63
C GLY D 66 -28.10 3.95 2.61
N SER D 67 -29.25 4.08 3.27
CA SER D 67 -29.94 5.36 3.36
C SER D 67 -30.91 5.28 4.54
N GLY D 68 -31.25 6.45 5.08
CA GLY D 68 -32.25 6.52 6.12
C GLY D 68 -31.69 6.16 7.48
N THR D 69 -31.97 4.95 7.93
CA THR D 69 -31.49 4.45 9.22
C THR D 69 -30.64 3.19 9.11
N GLU D 70 -30.40 2.69 7.89
CA GLU D 70 -29.65 1.45 7.71
C GLU D 70 -28.47 1.72 6.77
N PHE D 71 -27.27 1.37 7.22
CA PHE D 71 -26.06 1.65 6.46
C PHE D 71 -25.07 0.49 6.64
N SER D 72 -24.18 0.36 5.67
CA SER D 72 -23.17 -0.69 5.67
C SER D 72 -21.86 -0.17 5.10
N LEU D 73 -20.76 -0.56 5.73
CA LEU D 73 -19.43 -0.37 5.16
C LEU D 73 -18.88 -1.74 4.77
N THR D 74 -18.41 -1.86 3.53
CA THR D 74 -17.98 -3.14 2.99
C THR D 74 -16.55 -3.01 2.47
N ILE D 75 -15.68 -3.90 2.93
CA ILE D 75 -14.33 -4.05 2.39
C ILE D 75 -14.34 -5.32 1.56
N SER D 76 -14.24 -5.16 0.23
CA SER D 76 -14.48 -6.28 -0.67
C SER D 76 -13.48 -7.41 -0.45
N SER D 77 -12.22 -7.07 -0.21
CA SER D 77 -11.18 -8.06 0.07
C SER D 77 -10.29 -7.50 1.18
N LEU D 78 -10.49 -8.01 2.39
CA LEU D 78 -9.78 -7.49 3.55
C LEU D 78 -8.27 -7.67 3.39
N GLN D 79 -7.54 -6.58 3.64
CA GLN D 79 -6.08 -6.60 3.67
C GLN D 79 -5.62 -6.36 5.10
N SER D 80 -4.50 -6.98 5.46
CA SER D 80 -4.06 -6.96 6.85
C SER D 80 -3.77 -5.56 7.37
N GLU D 81 -3.46 -4.62 6.48
CA GLU D 81 -3.25 -3.23 6.91
C GLU D 81 -4.55 -2.53 7.25
N ASP D 82 -5.70 -3.17 7.05
CA ASP D 82 -6.99 -2.57 7.34
C ASP D 82 -7.43 -2.78 8.79
N PHE D 83 -6.60 -3.43 9.62
CA PHE D 83 -6.91 -3.54 11.04
C PHE D 83 -7.10 -2.17 11.65
N ALA D 84 -8.30 -1.93 12.21
CA ALA D 84 -8.65 -0.63 12.74
C ALA D 84 -10.00 -0.73 13.44
N VAL D 85 -10.36 0.36 14.12
CA VAL D 85 -11.71 0.57 14.62
C VAL D 85 -12.41 1.50 13.64
N TYR D 86 -13.58 1.09 13.16
CA TYR D 86 -14.31 1.84 12.15
C TYR D 86 -15.53 2.50 12.78
N TYR D 87 -15.63 3.82 12.60
CA TYR D 87 -16.70 4.62 13.19
C TYR D 87 -17.61 5.14 12.08
N CYS D 88 -18.92 5.09 12.33
CA CYS D 88 -19.87 5.79 11.49
C CYS D 88 -20.35 7.05 12.21
N GLN D 89 -20.67 8.07 11.43
CA GLN D 89 -21.06 9.37 11.97
C GLN D 89 -22.12 9.99 11.07
N GLN D 90 -23.15 10.55 11.69
CA GLN D 90 -24.19 11.26 10.97
C GLN D 90 -24.02 12.76 11.18
N TYR D 91 -24.26 13.53 10.11
CA TYR D 91 -24.24 14.99 10.17
C TYR D 91 -25.54 15.60 9.67
N ASN D 92 -26.61 14.80 9.63
CA ASN D 92 -27.91 15.31 9.23
C ASN D 92 -28.41 16.37 10.20
N ASN D 93 -28.19 16.15 11.50
CA ASN D 93 -28.63 17.07 12.54
C ASN D 93 -27.58 18.13 12.86
N TRP D 94 -26.76 18.51 11.88
CA TRP D 94 -25.72 19.49 12.10
C TRP D 94 -26.33 20.75 12.73
N PRO D 95 -25.71 21.31 13.78
CA PRO D 95 -24.41 20.97 14.36
C PRO D 95 -24.43 19.85 15.41
N ALA D 96 -25.50 19.07 15.54
CA ALA D 96 -25.56 18.01 16.54
C ALA D 96 -24.97 16.72 15.99
N ILE D 97 -23.70 16.83 15.58
CA ILE D 97 -22.95 15.68 15.07
C ILE D 97 -22.90 14.59 16.13
N THR D 98 -23.15 13.34 15.71
CA THR D 98 -23.09 12.21 16.61
C THR D 98 -22.39 11.03 15.93
N PHE D 99 -21.61 10.30 16.72
CA PHE D 99 -20.84 9.17 16.24
C PHE D 99 -21.40 7.85 16.75
N GLY D 100 -21.15 6.79 16.00
CA GLY D 100 -21.29 5.46 16.55
C GLY D 100 -20.12 5.11 17.46
N GLN D 101 -20.25 4.01 18.19
CA GLN D 101 -19.22 3.61 19.13
C GLN D 101 -18.17 2.70 18.49
N GLY D 102 -18.28 2.39 17.21
CA GLY D 102 -17.19 1.76 16.50
C GLY D 102 -17.26 0.24 16.49
N THR D 103 -16.77 -0.34 15.41
CA THR D 103 -16.58 -1.78 15.30
C THR D 103 -15.11 -2.06 15.08
N ARG D 104 -14.53 -2.91 15.92
CA ARG D 104 -13.13 -3.30 15.80
C ARG D 104 -13.03 -4.49 14.86
N LEU D 105 -12.21 -4.35 13.82
CA LEU D 105 -12.09 -5.36 12.77
C LEU D 105 -10.73 -6.03 12.90
N GLU D 106 -10.73 -7.26 13.41
CA GLU D 106 -9.50 -8.02 13.58
C GLU D 106 -9.20 -8.84 12.32
N ILE D 107 -7.91 -9.01 12.03
CA ILE D 107 -7.47 -9.84 10.92
C ILE D 107 -7.34 -11.28 11.42
N LYS D 108 -8.11 -12.19 10.82
CA LYS D 108 -8.15 -13.58 11.25
C LYS D 108 -7.10 -14.36 10.50
N ARG D 109 -5.89 -14.40 11.05
CA ARG D 109 -4.80 -15.18 10.49
C ARG D 109 -4.83 -16.60 11.06
N THR D 110 -3.81 -17.38 10.74
CA THR D 110 -3.72 -18.74 11.26
C THR D 110 -3.12 -18.75 12.66
N VAL D 111 -3.22 -19.90 13.32
CA VAL D 111 -2.75 -20.04 14.70
C VAL D 111 -1.23 -19.92 14.74
N ALA D 112 -0.72 -19.14 15.70
CA ALA D 112 0.71 -19.01 15.92
C ALA D 112 0.96 -19.12 17.42
N ALA D 113 1.84 -20.04 17.81
CA ALA D 113 2.14 -20.25 19.21
C ALA D 113 3.08 -19.15 19.73
N PRO D 114 2.90 -18.71 20.97
CA PRO D 114 3.79 -17.68 21.52
C PRO D 114 5.17 -18.24 21.83
N SER D 115 6.16 -17.36 21.71
CA SER D 115 7.46 -17.57 22.35
C SER D 115 7.39 -16.96 23.74
N VAL D 116 7.86 -17.70 24.75
CA VAL D 116 7.65 -17.34 26.14
C VAL D 116 9.00 -17.06 26.79
N PHE D 117 9.09 -15.91 27.48
CA PHE D 117 10.29 -15.52 28.20
C PHE D 117 9.89 -15.05 29.59
N ILE D 118 10.73 -15.34 30.57
CA ILE D 118 10.53 -14.88 31.95
C ILE D 118 11.72 -14.02 32.35
N PHE D 119 11.44 -12.93 33.06
CA PHE D 119 12.48 -12.00 33.49
C PHE D 119 12.39 -11.83 35.01
N PRO D 120 13.46 -12.12 35.74
CA PRO D 120 13.47 -11.87 37.18
C PRO D 120 13.54 -10.37 37.46
N PRO D 121 13.21 -9.94 38.67
CA PRO D 121 13.43 -8.54 39.02
C PRO D 121 14.92 -8.20 39.03
N SER D 122 15.23 -6.97 38.64
CA SER D 122 16.61 -6.51 38.65
C SER D 122 17.05 -6.20 40.07
N ASP D 123 18.36 -6.31 40.30
CA ASP D 123 18.91 -5.94 41.60
C ASP D 123 18.67 -4.46 41.90
N GLU D 124 18.61 -3.64 40.86
CA GLU D 124 18.37 -2.22 41.03
C GLU D 124 16.97 -1.95 41.60
N GLN D 125 15.96 -2.66 41.10
CA GLN D 125 14.61 -2.48 41.62
C GLN D 125 14.49 -2.99 43.05
N LEU D 126 15.11 -4.14 43.35
CA LEU D 126 15.01 -4.72 44.69
C LEU D 126 15.52 -3.76 45.75
N LYS D 127 16.51 -2.93 45.41
CA LYS D 127 17.00 -1.94 46.35
C LYS D 127 15.92 -0.97 46.79
N SER D 128 14.85 -0.84 46.02
CA SER D 128 13.77 0.10 46.35
C SER D 128 12.63 -0.54 47.12
N GLY D 129 12.67 -1.86 47.35
CA GLY D 129 11.70 -2.54 48.16
C GLY D 129 10.58 -3.27 47.43
N THR D 130 10.57 -3.24 46.10
CA THR D 130 9.55 -3.91 45.31
C THR D 130 10.24 -4.79 44.27
N ALA D 131 9.60 -5.93 43.96
CA ALA D 131 10.08 -6.84 42.93
C ALA D 131 9.02 -7.02 41.86
N SER D 132 9.41 -6.91 40.60
CA SER D 132 8.53 -7.14 39.47
C SER D 132 9.08 -8.30 38.64
N VAL D 133 8.27 -9.33 38.46
CA VAL D 133 8.62 -10.47 37.62
C VAL D 133 7.77 -10.38 36.36
N VAL D 134 8.42 -10.45 35.20
CA VAL D 134 7.78 -10.22 33.92
C VAL D 134 7.80 -11.50 33.11
N CYS D 135 6.64 -11.91 32.61
CA CYS D 135 6.50 -13.01 31.67
C CYS D 135 6.03 -12.46 30.33
N LEU D 136 6.73 -12.80 29.25
CA LEU D 136 6.47 -12.26 27.94
C LEU D 136 6.01 -13.36 26.99
N LEU D 137 4.88 -13.13 26.33
CA LEU D 137 4.37 -13.99 25.27
C LEU D 137 4.47 -13.22 23.96
N ASN D 138 5.24 -13.74 23.00
CA ASN D 138 5.62 -12.97 21.82
C ASN D 138 5.00 -13.56 20.57
N ASN D 139 4.31 -12.71 19.79
CA ASN D 139 3.94 -12.98 18.41
C ASN D 139 3.07 -14.24 18.28
N PHE D 140 1.88 -14.14 18.84
CA PHE D 140 0.95 -15.27 18.86
C PHE D 140 -0.42 -14.84 18.34
N TYR D 141 -1.20 -15.84 17.90
CA TYR D 141 -2.59 -15.70 17.48
C TYR D 141 -3.27 -17.03 17.71
N PRO D 142 -4.53 -17.05 18.17
CA PRO D 142 -5.40 -15.91 18.51
C PRO D 142 -5.02 -15.21 19.81
N ARG D 143 -5.73 -14.12 20.15
CA ARG D 143 -5.38 -13.31 21.31
C ARG D 143 -5.56 -14.07 22.62
N GLU D 144 -6.54 -14.96 22.68
CA GLU D 144 -6.86 -15.62 23.95
C GLU D 144 -5.70 -16.48 24.43
N ALA D 145 -5.31 -16.26 25.68
CA ALA D 145 -4.18 -16.97 26.27
C ALA D 145 -4.30 -16.91 27.78
N LYS D 146 -3.85 -17.98 28.43
CA LYS D 146 -3.86 -18.08 29.89
C LYS D 146 -2.43 -18.03 30.42
N VAL D 147 -2.19 -17.11 31.33
CA VAL D 147 -0.89 -16.97 31.99
C VAL D 147 -1.09 -17.18 33.48
N GLN D 148 -0.33 -18.12 34.05
CA GLN D 148 -0.47 -18.48 35.45
C GLN D 148 0.90 -18.37 36.13
N TRP D 149 0.94 -17.63 37.23
CA TRP D 149 2.14 -17.46 38.03
C TRP D 149 2.12 -18.45 39.19
N LYS D 150 3.27 -19.07 39.44
CA LYS D 150 3.46 -19.92 40.61
C LYS D 150 4.72 -19.51 41.34
N VAL D 151 4.61 -19.35 42.65
CA VAL D 151 5.73 -19.05 43.52
C VAL D 151 5.78 -20.16 44.57
N ASP D 152 6.81 -21.01 44.48
CA ASP D 152 6.97 -22.17 45.35
C ASP D 152 5.67 -22.99 45.42
N ASN D 153 5.21 -23.39 44.24
CA ASN D 153 4.04 -24.26 44.06
C ASN D 153 2.72 -23.56 44.34
N ALA D 154 2.76 -22.32 44.81
CA ALA D 154 1.55 -21.58 45.15
C ALA D 154 1.08 -20.77 43.95
N LEU D 155 -0.11 -21.08 43.45
CA LEU D 155 -0.68 -20.30 42.37
C LEU D 155 -0.96 -18.88 42.83
N GLN D 156 -0.56 -17.90 42.04
CA GLN D 156 -0.70 -16.49 42.37
C GLN D 156 -1.92 -15.92 41.68
N SER D 157 -2.75 -15.21 42.44
CA SER D 157 -3.99 -14.64 41.92
C SER D 157 -4.18 -13.26 42.52
N GLY D 158 -4.48 -12.29 41.66
CA GLY D 158 -4.76 -10.94 42.11
C GLY D 158 -3.56 -10.02 42.21
N ASN D 159 -2.34 -10.53 42.01
CA ASN D 159 -1.14 -9.71 42.14
C ASN D 159 -0.36 -9.66 40.83
N SER D 160 -1.05 -9.79 39.70
CA SER D 160 -0.45 -9.65 38.39
C SER D 160 -1.34 -8.79 37.50
N GLN D 161 -0.72 -8.15 36.51
CA GLN D 161 -1.45 -7.36 35.52
C GLN D 161 -0.93 -7.67 34.14
N GLU D 162 -1.84 -7.69 33.16
CA GLU D 162 -1.51 -8.05 31.79
C GLU D 162 -1.66 -6.85 30.88
N SER D 163 -0.78 -6.78 29.87
CA SER D 163 -0.87 -5.79 28.82
C SER D 163 -0.66 -6.48 27.47
N VAL D 164 -1.44 -6.08 26.48
CA VAL D 164 -1.40 -6.70 25.15
C VAL D 164 -1.19 -5.61 24.11
N THR D 165 -0.23 -5.83 23.22
CA THR D 165 -0.06 -4.94 22.09
C THR D 165 -1.25 -5.07 21.15
N GLU D 166 -1.50 -4.00 20.39
CA GLU D 166 -2.50 -4.07 19.34
C GLU D 166 -2.03 -5.06 18.28
N GLN D 167 -2.99 -5.60 17.52
CA GLN D 167 -2.65 -6.55 16.47
C GLN D 167 -1.67 -5.91 15.49
N ASP D 168 -0.56 -6.60 15.23
CA ASP D 168 0.45 -6.08 14.33
C ASP D 168 -0.07 -6.11 12.91
N SER D 169 0.00 -4.96 12.22
CA SER D 169 -0.56 -4.89 10.87
C SER D 169 0.22 -5.73 9.87
N LYS D 170 1.47 -6.06 10.17
CA LYS D 170 2.32 -6.78 9.22
C LYS D 170 2.13 -8.29 9.30
N ASP D 171 2.16 -8.87 10.50
CA ASP D 171 2.01 -10.31 10.66
C ASP D 171 0.74 -10.72 11.40
N SER D 172 -0.08 -9.76 11.83
CA SER D 172 -1.39 -10.00 12.44
C SER D 172 -1.30 -10.75 13.77
N THR D 173 -0.14 -10.72 14.43
CA THR D 173 0.02 -11.38 15.71
C THR D 173 -0.14 -10.40 16.87
N TYR D 174 -0.18 -10.95 18.08
CA TYR D 174 -0.23 -10.19 19.31
C TYR D 174 0.99 -10.53 20.16
N SER D 175 1.31 -9.63 21.09
CA SER D 175 2.28 -9.91 22.13
C SER D 175 1.70 -9.48 23.47
N LEU D 176 2.08 -10.20 24.52
CA LEU D 176 1.47 -10.00 25.83
C LEU D 176 2.53 -10.02 26.91
N SER D 177 2.40 -9.12 27.88
CA SER D 177 3.24 -9.09 29.07
C SER D 177 2.38 -9.34 30.30
N SER D 178 2.86 -10.19 31.19
CA SER D 178 2.26 -10.38 32.50
C SER D 178 3.30 -10.02 33.56
N THR D 179 2.92 -9.14 34.48
CA THR D 179 3.84 -8.61 35.47
C THR D 179 3.35 -8.98 36.87
N LEU D 180 4.11 -9.81 37.56
CA LEU D 180 3.84 -10.18 38.94
C LEU D 180 4.58 -9.22 39.87
N THR D 181 3.86 -8.64 40.84
CA THR D 181 4.43 -7.65 41.74
C THR D 181 4.40 -8.19 43.16
N LEU D 182 5.56 -8.28 43.79
CA LEU D 182 5.69 -8.68 45.19
C LEU D 182 6.53 -7.65 45.92
N SER D 183 6.43 -7.67 47.25
CA SER D 183 7.37 -6.92 48.07
C SER D 183 8.74 -7.57 47.99
N LYS D 184 9.78 -6.79 48.32
CA LYS D 184 11.12 -7.36 48.37
C LYS D 184 11.20 -8.47 49.40
N ALA D 185 10.55 -8.28 50.55
CA ALA D 185 10.59 -9.30 51.61
C ALA D 185 9.95 -10.60 51.13
N ASP D 186 8.80 -10.51 50.46
CA ASP D 186 8.15 -11.72 49.95
C ASP D 186 8.98 -12.39 48.87
N TYR D 187 9.59 -11.58 47.98
CA TYR D 187 10.40 -12.16 46.90
C TYR D 187 11.55 -12.98 47.45
N GLU D 188 12.18 -12.51 48.52
CA GLU D 188 13.34 -13.18 49.09
C GLU D 188 12.96 -14.31 50.05
N LYS D 189 11.67 -14.53 50.29
CA LYS D 189 11.20 -15.66 51.07
C LYS D 189 10.98 -16.91 50.23
N HIS D 190 11.15 -16.81 48.91
CA HIS D 190 10.75 -17.88 48.01
C HIS D 190 11.82 -18.08 46.94
N LYS D 191 11.82 -19.28 46.36
CA LYS D 191 12.89 -19.71 45.46
C LYS D 191 12.44 -19.88 44.01
N VAL D 192 11.40 -20.67 43.76
CA VAL D 192 11.00 -21.01 42.39
C VAL D 192 9.93 -20.04 41.92
N TYR D 193 10.20 -19.38 40.80
CA TYR D 193 9.25 -18.46 40.17
C TYR D 193 9.00 -18.95 38.75
N ALA D 194 7.75 -19.31 38.46
CA ALA D 194 7.39 -19.93 37.20
C ALA D 194 6.22 -19.19 36.55
N CYS D 195 6.29 -19.06 35.23
CA CYS D 195 5.18 -18.58 34.42
C CYS D 195 4.75 -19.71 33.50
N GLU D 196 3.47 -20.05 33.53
CA GLU D 196 2.91 -21.13 32.73
C GLU D 196 1.92 -20.56 31.73
N VAL D 197 2.11 -20.89 30.45
CA VAL D 197 1.35 -20.32 29.35
C VAL D 197 0.55 -21.41 28.68
N THR D 198 -0.77 -21.23 28.61
CA THR D 198 -1.66 -22.09 27.85
C THR D 198 -2.14 -21.34 26.63
N HIS D 199 -2.03 -21.97 25.46
CA HIS D 199 -2.45 -21.34 24.22
C HIS D 199 -2.83 -22.43 23.22
N GLN D 200 -3.72 -22.07 22.30
CA GLN D 200 -4.19 -23.03 21.30
C GLN D 200 -3.06 -23.53 20.41
N GLY D 201 -2.05 -22.69 20.16
CA GLY D 201 -0.92 -23.07 19.35
C GLY D 201 0.08 -23.97 20.02
N LEU D 202 -0.06 -24.21 21.32
CA LEU D 202 0.81 -25.10 22.06
C LEU D 202 0.10 -26.43 22.30
N SER D 203 0.81 -27.53 22.06
CA SER D 203 0.23 -28.85 22.28
C SER D 203 -0.05 -29.10 23.76
N SER D 204 0.79 -28.54 24.64
CA SER D 204 0.56 -28.57 26.08
C SER D 204 1.19 -27.32 26.67
N PRO D 205 0.77 -26.90 27.87
CA PRO D 205 1.26 -25.62 28.41
C PRO D 205 2.77 -25.59 28.57
N VAL D 206 3.35 -24.42 28.30
CA VAL D 206 4.79 -24.19 28.37
C VAL D 206 5.08 -23.43 29.65
N THR D 207 6.11 -23.87 30.37
CA THR D 207 6.54 -23.22 31.61
C THR D 207 7.96 -22.70 31.45
N LYS D 208 8.15 -21.42 31.78
CA LYS D 208 9.47 -20.83 31.94
C LYS D 208 9.65 -20.44 33.40
N SER D 209 10.79 -20.79 33.98
CA SER D 209 10.98 -20.56 35.40
C SER D 209 12.43 -20.24 35.68
N PHE D 210 12.66 -19.66 36.86
CA PHE D 210 14.00 -19.42 37.37
C PHE D 210 13.96 -19.63 38.88
N ASN D 211 15.15 -19.78 39.46
CA ASN D 211 15.31 -19.85 40.90
C ASN D 211 16.06 -18.61 41.37
N ARG D 212 15.52 -17.96 42.40
CA ARG D 212 16.12 -16.72 42.89
C ARG D 212 17.57 -16.95 43.32
N GLY D 213 18.46 -16.09 42.84
CA GLY D 213 19.86 -16.18 43.16
C GLY D 213 20.70 -17.06 42.26
N GLU D 214 20.08 -17.72 41.28
CA GLU D 214 20.82 -18.63 40.40
C GLU D 214 20.70 -18.22 38.94
#